data_6MIV
#
_entry.id   6MIV
#
_cell.length_a   78.976
_cell.length_b   191.441
_cell.length_c   151.369
_cell.angle_alpha   90.000
_cell.angle_beta   90.000
_cell.angle_gamma   90.000
#
_symmetry.space_group_name_H-M   'C 2 2 21'
#
loop_
_entity.id
_entity.type
_entity.pdbx_description
1 polymer 'T cell receptor alpha variable 11,T cell receptor alpha variable 11,T cell receptor alpha joining 18,Human nkt tcr alpha chain, CHIMERIC PROTEIN,Human nkt tcr alpha chain'
2 polymer 'Beta-chain,Tcell receptor chain,T cell receptor beta constant 2'
3 polymer 'Antigen-presenting glycoprotein CD1d1'
4 polymer Beta-2-microglobulin
5 branched 2-acetamido-2-deoxy-beta-D-glucopyranose-(1-4)-2-acetamido-2-deoxy-beta-D-glucopyranose
6 branched 2-acetamido-2-deoxy-beta-D-glucopyranose-(1-4)-[alpha-L-fucopyranose-(1-6)]2-acetamido-2-deoxy-beta-D-glucopyranose
7 non-polymer 'SODIUM ION'
8 non-polymer GLYCEROL
9 non-polymer 2-acetamido-2-deoxy-beta-D-glucopyranose
10 non-polymer N-[(2S,3S,4R)-1-({4-O-[(4-tert-butylphenyl)methyl]-alpha-D-galactopyranosyl}oxy)-3,4-dihydroxyoctadecan-2-yl]hexacosanamide
11 water water
#
loop_
_entity_poly.entity_id
_entity_poly.type
_entity_poly.pdbx_seq_one_letter_code
_entity_poly.pdbx_strand_id
1 'polypeptide(L)'
;MKTQVEQSPQSLVVRQGENCVLQCNYSVTPDNHLRWFKQDTGKGLVSLTVLVDQKDKTSNGRYSATLDKDAKHSTLHITA
TLLDDTATYICVVGDRGSALGRLHFGAGTQLIVIPDIQNPDPAVYQLRDSKSSDKSVCLFTDFDSQTNVSQSKDSDVYIT
DKCVLDMRSMDFKSNSAVAWSNKSDFACANAFNNSIIPEDTFFPSPESS
;
C
2 'polypeptide(L)'
;MEAAVTQSPRNKVAVTGGKVTLSCNQTNNHNNMYWYRQDTGHGLRLIHYSYGAGSTEKGDIPDGYKASRPSQENFSLILE
LATPSQTSVYFCASGDEGYTQYFGPGTRLLVLEDLRNVTPPKVSLFEPSKAEISHTQKATLVCLATGFYPDHVELSWWVN
GKEVHSGVCTDPQPLKEQPALNDSRYSLSSRLRVSATFWQNPRNHFRCQVQFYGLSENDEWTQDRAKPVTQIVSAEAWGR
A
;
D
3 'polypeptide(L)'
;SEAQQKNYTFRCLQMSSFANRSWSRTDSVVWLGDLQTHRWSNDSATISFTKPWSQGKLSNQQWEKLQHMFQVYRVSFTRD
IQELVKMMSPKEDYPIEIQLSAGCEMYPGNASESFLHVAFQGKYVVRFWGTSWQTVPGAPSWLDLPIKVLNADQGTSATV
QMLLNDTCPLFVRGLLEAGKSDLEKQEKPVAWLSSVPSSAHGHRQLVCHVSGFYPKPVWVMWMRGDQEQQGTHRGDFLPN
ADETWYLQATLDVEAGEEAGLACRVKHSSLGGQDIILYWHHHHHH
;
A
4 'polypeptide(L)'
;IQKTPQIQVYSRHPPENGKPNILNCYVTQFHPPHIEIQMLKNGKKIPKVEMSDMSFSKDWSFYILAHTEFTPTETDTYAC
RVKHASMAEPKTVYWDRDM
;
B
#
loop_
_chem_comp.id
_chem_comp.type
_chem_comp.name
_chem_comp.formula
FUC L-saccharide, alpha linking alpha-L-fucopyranose 'C6 H12 O5'
GOL non-polymer GLYCEROL 'C3 H8 O3'
JU1 non-polymer N-[(2S,3S,4R)-1-({4-O-[(4-tert-butylphenyl)methyl]-alpha-D-galactopyranosyl}oxy)-3,4-dihydroxyoctadecan-2-yl]hexacosanamide 'C61 H113 N O9'
NA non-polymer 'SODIUM ION' 'Na 1'
NAG D-saccharide, beta linking 2-acetamido-2-deoxy-beta-D-glucopyranose 'C8 H15 N O6'
#
# COMPACT_ATOMS: atom_id res chain seq x y z
N THR A 3 5.23 -11.27 -10.15
CA THR A 3 4.31 -10.55 -9.24
C THR A 3 4.62 -10.95 -7.79
N GLN A 4 4.10 -10.18 -6.84
CA GLN A 4 4.38 -10.40 -5.43
C GLN A 4 3.36 -11.36 -4.79
N VAL A 5 2.31 -11.76 -5.52
CA VAL A 5 1.28 -12.67 -4.99
C VAL A 5 0.99 -13.75 -6.05
N GLU A 6 1.23 -15.01 -5.68
CA GLU A 6 1.11 -16.17 -6.58
C GLU A 6 0.12 -17.16 -5.99
N GLN A 7 -0.81 -17.61 -6.84
CA GLN A 7 -1.80 -18.57 -6.45
C GLN A 7 -1.55 -19.87 -7.20
N SER A 8 -1.90 -20.98 -6.54
CA SER A 8 -1.81 -22.34 -7.05
C SER A 8 -2.97 -23.15 -6.48
N PRO A 9 -3.51 -24.11 -7.25
CA PRO A 9 -3.26 -24.28 -8.67
C PRO A 9 -3.84 -23.12 -9.49
N GLN A 10 -3.48 -23.06 -10.77
CA GLN A 10 -4.04 -22.10 -11.70
C GLN A 10 -5.51 -22.42 -11.95
N SER A 11 -5.82 -23.71 -12.12
CA SER A 11 -7.20 -24.16 -12.23
C SER A 11 -7.30 -25.61 -11.77
N LEU A 12 -8.52 -26.01 -11.38
CA LEU A 12 -8.77 -27.38 -11.01
C LEU A 12 -10.26 -27.69 -11.21
N VAL A 13 -10.52 -28.98 -11.42
CA VAL A 13 -11.84 -29.55 -11.60
C VAL A 13 -12.05 -30.59 -10.50
N VAL A 14 -13.13 -30.44 -9.74
CA VAL A 14 -13.47 -31.39 -8.68
C VAL A 14 -14.93 -31.81 -8.86
N ARG A 15 -15.26 -32.96 -8.30
CA ARG A 15 -16.63 -33.46 -8.30
C ARG A 15 -17.31 -32.97 -7.02
N GLN A 16 -18.61 -32.67 -7.14
CA GLN A 16 -19.46 -32.24 -6.03
C GLN A 16 -19.28 -33.16 -4.82
N GLY A 17 -19.14 -32.57 -3.64
CA GLY A 17 -18.95 -33.30 -2.41
C GLY A 17 -17.50 -33.46 -2.03
N GLU A 18 -16.57 -33.29 -2.99
CA GLU A 18 -15.13 -33.41 -2.68
C GLU A 18 -14.66 -32.12 -2.01
N ASN A 19 -13.62 -32.23 -1.20
CA ASN A 19 -12.91 -31.06 -0.62
C ASN A 19 -11.80 -30.63 -1.57
N CYS A 20 -11.40 -29.35 -1.48
CA CYS A 20 -10.21 -28.90 -2.19
C CYS A 20 -9.51 -27.81 -1.38
N VAL A 21 -8.25 -27.57 -1.74
CA VAL A 21 -7.40 -26.61 -1.05
C VAL A 21 -6.73 -25.72 -2.09
N LEU A 22 -6.81 -24.41 -1.88
CA LEU A 22 -6.22 -23.41 -2.74
C LEU A 22 -5.07 -22.75 -1.98
N GLN A 23 -3.98 -22.41 -2.69
CA GLN A 23 -2.76 -21.88 -2.07
C GLN A 23 -2.52 -20.43 -2.53
N CYS A 24 -1.90 -19.66 -1.64
CA CYS A 24 -1.46 -18.33 -1.92
C CYS A 24 -0.08 -18.13 -1.28
N ASN A 25 0.89 -17.76 -2.10
CA ASN A 25 2.23 -17.43 -1.65
C ASN A 25 2.57 -16.02 -2.13
N TYR A 26 3.20 -15.23 -1.26
CA TYR A 26 3.46 -13.84 -1.55
C TYR A 26 4.83 -13.44 -1.03
N SER A 27 5.39 -12.38 -1.62
CA SER A 27 6.63 -11.76 -1.17
C SER A 27 6.37 -10.34 -0.65
N VAL A 28 5.10 -9.89 -0.68
CA VAL A 28 4.72 -8.54 -0.20
C VAL A 28 5.28 -8.29 1.20
N THR A 29 5.87 -7.10 1.41
CA THR A 29 6.38 -6.66 2.72
C THR A 29 6.04 -5.20 2.96
N PRO A 30 5.48 -4.85 4.11
CA PRO A 30 4.93 -5.77 5.08
C PRO A 30 3.58 -6.34 4.64
N ASP A 31 3.09 -7.28 5.43
CA ASP A 31 1.88 -8.02 5.17
C ASP A 31 0.95 -7.81 6.37
N ASN A 32 0.10 -6.78 6.30
CA ASN A 32 -0.81 -6.47 7.40
C ASN A 32 -1.92 -7.52 7.49
N HIS A 33 -2.54 -7.85 6.35
CA HIS A 33 -3.65 -8.79 6.32
C HIS A 33 -3.76 -9.41 4.93
N LEU A 34 -4.45 -10.55 4.88
CA LEU A 34 -4.70 -11.27 3.66
C LEU A 34 -6.20 -11.59 3.56
N ARG A 35 -6.79 -11.26 2.42
CA ARG A 35 -8.20 -11.50 2.17
C ARG A 35 -8.38 -12.50 1.03
N TRP A 36 -9.36 -13.39 1.16
CA TRP A 36 -9.81 -14.24 0.07
C TRP A 36 -11.15 -13.74 -0.47
N PHE A 37 -11.20 -13.55 -1.79
CA PHE A 37 -12.40 -13.20 -2.53
C PHE A 37 -12.87 -14.41 -3.36
N LYS A 38 -14.19 -14.53 -3.50
CA LYS A 38 -14.83 -15.39 -4.49
C LYS A 38 -15.41 -14.49 -5.59
N GLN A 39 -15.08 -14.78 -6.85
CA GLN A 39 -15.63 -14.05 -7.98
C GLN A 39 -16.30 -15.02 -8.96
N ASP A 40 -17.63 -15.04 -8.96
CA ASP A 40 -18.45 -15.77 -9.94
C ASP A 40 -18.29 -15.13 -11.31
N THR A 41 -18.57 -15.91 -12.35
CA THR A 41 -18.37 -15.49 -13.74
C THR A 41 -19.16 -14.20 -14.01
N GLY A 42 -18.44 -13.17 -14.46
CA GLY A 42 -19.02 -11.88 -14.84
C GLY A 42 -19.52 -11.07 -13.65
N LYS A 43 -19.22 -11.51 -12.43
CA LYS A 43 -19.74 -10.85 -11.23
C LYS A 43 -18.59 -10.12 -10.54
N GLY A 44 -18.86 -9.67 -9.31
CA GLY A 44 -17.94 -8.90 -8.53
C GLY A 44 -17.30 -9.72 -7.43
N LEU A 45 -16.65 -9.00 -6.49
CA LEU A 45 -15.79 -9.61 -5.50
C LEU A 45 -16.60 -9.81 -4.22
N VAL A 46 -16.73 -11.06 -3.78
CA VAL A 46 -17.37 -11.38 -2.52
C VAL A 46 -16.30 -11.84 -1.53
N SER A 47 -16.13 -11.08 -0.43
CA SER A 47 -15.12 -11.40 0.58
C SER A 47 -15.55 -12.67 1.32
N LEU A 48 -14.62 -13.63 1.48
CA LEU A 48 -14.87 -14.91 2.17
C LEU A 48 -14.31 -14.85 3.60
N THR A 49 -13.12 -14.27 3.76
CA THR A 49 -12.46 -14.20 5.06
C THR A 49 -11.30 -13.21 4.96
N VAL A 50 -10.89 -12.68 6.12
CA VAL A 50 -9.68 -11.89 6.22
C VAL A 50 -8.87 -12.43 7.39
N LEU A 51 -7.57 -12.62 7.16
CA LEU A 51 -6.65 -13.16 8.14
C LEU A 51 -5.65 -12.05 8.48
N VAL A 52 -5.39 -11.85 9.79
CA VAL A 52 -4.61 -10.70 10.28
C VAL A 52 -3.45 -11.11 11.19
N ASP A 53 -3.50 -12.28 11.85
CA ASP A 53 -2.51 -12.67 12.86
C ASP A 53 -1.33 -13.39 12.20
N GLN A 54 -0.21 -13.41 12.92
CA GLN A 54 1.06 -13.99 12.45
C GLN A 54 0.82 -15.46 12.02
N LYS A 55 0.11 -16.18 12.88
CA LYS A 55 -0.40 -17.51 12.61
C LYS A 55 -1.91 -17.41 12.84
N ASP A 56 -2.69 -17.50 11.77
CA ASP A 56 -4.11 -17.24 11.87
C ASP A 56 -4.89 -18.38 11.22
N LYS A 57 -6.10 -18.59 11.74
CA LYS A 57 -7.07 -19.53 11.23
C LYS A 57 -8.43 -18.87 11.30
N THR A 58 -9.23 -19.01 10.23
CA THR A 58 -10.58 -18.49 10.20
C THR A 58 -11.48 -19.55 9.57
N SER A 59 -12.78 -19.34 9.72
CA SER A 59 -13.77 -20.20 9.11
C SER A 59 -15.00 -19.36 8.76
N ASN A 60 -15.75 -19.85 7.77
CA ASN A 60 -16.93 -19.19 7.28
C ASN A 60 -17.72 -20.27 6.54
N GLY A 61 -18.61 -20.95 7.29
CA GLY A 61 -19.35 -22.08 6.80
C GLY A 61 -18.42 -23.19 6.34
N ARG A 62 -18.52 -23.56 5.06
CA ARG A 62 -17.73 -24.63 4.45
C ARG A 62 -16.32 -24.14 4.08
N TYR A 63 -16.06 -22.83 4.18
CA TYR A 63 -14.74 -22.23 3.90
C TYR A 63 -13.94 -22.16 5.21
N SER A 64 -12.67 -22.56 5.16
CA SER A 64 -11.75 -22.28 6.24
C SER A 64 -10.41 -21.87 5.61
N ALA A 65 -9.63 -21.09 6.37
CA ALA A 65 -8.41 -20.54 5.85
C ALA A 65 -7.35 -20.51 6.95
N THR A 66 -6.09 -20.57 6.51
CA THR A 66 -4.93 -20.40 7.38
C THR A 66 -4.01 -19.32 6.79
N LEU A 67 -3.25 -18.67 7.67
CA LEU A 67 -2.20 -17.76 7.27
C LEU A 67 -0.96 -18.04 8.14
N ASP A 68 0.19 -18.13 7.49
CA ASP A 68 1.48 -18.18 8.14
C ASP A 68 2.32 -17.04 7.58
N LYS A 69 2.42 -15.94 8.34
CA LYS A 69 3.13 -14.74 7.88
C LYS A 69 4.65 -15.01 7.81
N ASP A 70 5.17 -15.91 8.63
CA ASP A 70 6.60 -16.28 8.58
C ASP A 70 6.93 -16.93 7.22
N ALA A 71 6.09 -17.85 6.75
CA ALA A 71 6.28 -18.53 5.46
C ALA A 71 5.70 -17.71 4.30
N LYS A 72 4.93 -16.67 4.62
CA LYS A 72 4.20 -15.83 3.65
C LYS A 72 3.33 -16.72 2.76
N HIS A 73 2.45 -17.46 3.43
CA HIS A 73 1.67 -18.50 2.81
C HIS A 73 0.28 -18.56 3.45
N SER A 74 -0.74 -18.70 2.60
CA SER A 74 -2.11 -18.90 3.02
C SER A 74 -2.74 -20.04 2.22
N THR A 75 -3.65 -20.78 2.85
CA THR A 75 -4.48 -21.76 2.16
C THR A 75 -5.95 -21.47 2.43
N LEU A 76 -6.78 -21.70 1.42
CA LEU A 76 -8.22 -21.68 1.56
C LEU A 76 -8.73 -23.09 1.30
N HIS A 77 -9.44 -23.65 2.28
CA HIS A 77 -10.03 -24.99 2.20
C HIS A 77 -11.54 -24.83 1.92
N ILE A 78 -12.04 -25.55 0.90
CA ILE A 78 -13.49 -25.64 0.69
C ILE A 78 -13.91 -27.09 1.03
N THR A 79 -14.75 -27.25 2.05
CA THR A 79 -15.31 -28.56 2.42
C THR A 79 -16.60 -28.82 1.63
N ALA A 80 -16.73 -30.05 1.12
CA ALA A 80 -17.96 -30.56 0.50
C ALA A 80 -18.44 -29.59 -0.59
N THR A 81 -17.71 -29.52 -1.70
CA THR A 81 -17.96 -28.51 -2.72
C THR A 81 -19.37 -28.66 -3.28
N LEU A 82 -19.98 -27.54 -3.63
CA LEU A 82 -21.26 -27.47 -4.32
C LEU A 82 -21.02 -26.80 -5.67
N LEU A 83 -21.99 -26.99 -6.57
CA LEU A 83 -21.98 -26.43 -7.90
C LEU A 83 -21.72 -24.92 -7.83
N ASP A 84 -22.30 -24.25 -6.84
CA ASP A 84 -22.22 -22.80 -6.70
C ASP A 84 -20.81 -22.36 -6.25
N ASP A 85 -19.91 -23.30 -5.93
CA ASP A 85 -18.50 -22.93 -5.60
C ASP A 85 -17.69 -22.73 -6.89
N THR A 86 -18.26 -23.07 -8.04
CA THR A 86 -17.64 -22.82 -9.34
C THR A 86 -17.42 -21.30 -9.46
N ALA A 87 -16.16 -20.89 -9.57
CA ALA A 87 -15.82 -19.48 -9.45
C ALA A 87 -14.29 -19.32 -9.55
N THR A 88 -13.84 -18.08 -9.58
CA THR A 88 -12.43 -17.76 -9.40
C THR A 88 -12.22 -17.30 -7.96
N TYR A 89 -11.15 -17.80 -7.33
CA TYR A 89 -10.86 -17.49 -5.94
C TYR A 89 -9.58 -16.66 -5.92
N ILE A 90 -9.63 -15.48 -5.32
CA ILE A 90 -8.57 -14.50 -5.40
C ILE A 90 -8.05 -14.16 -4.01
N CYS A 91 -6.73 -14.19 -3.90
CA CYS A 91 -5.95 -13.86 -2.74
C CYS A 91 -5.48 -12.40 -2.88
N VAL A 92 -5.63 -11.60 -1.82
CA VAL A 92 -5.17 -10.18 -1.80
C VAL A 92 -4.43 -9.91 -0.50
N VAL A 93 -3.26 -9.27 -0.62
CA VAL A 93 -2.48 -8.89 0.55
C VAL A 93 -2.49 -7.35 0.67
N GLY A 94 -2.88 -6.87 1.85
CA GLY A 94 -2.86 -5.45 2.20
C GLY A 94 -1.61 -5.15 3.00
N ASP A 95 -0.83 -4.16 2.54
CA ASP A 95 0.50 -3.92 3.11
C ASP A 95 0.44 -2.88 4.25
N ARG A 96 -0.75 -2.40 4.61
CA ARG A 96 -0.93 -1.51 5.76
C ARG A 96 -2.25 -1.79 6.48
N GLY A 97 -2.29 -1.51 7.77
CA GLY A 97 -3.51 -1.58 8.57
C GLY A 97 -4.35 -0.31 8.49
N SER A 98 -4.21 0.46 7.40
CA SER A 98 -4.92 1.73 7.21
C SER A 98 -5.05 2.02 5.72
N ALA A 99 -5.71 3.13 5.39
CA ALA A 99 -5.97 3.57 4.02
C ALA A 99 -4.69 3.96 3.28
N LEU A 100 -3.57 4.09 4.00
CA LEU A 100 -2.26 4.32 3.37
C LEU A 100 -1.76 3.06 2.66
N GLY A 101 -2.45 1.92 2.86
CA GLY A 101 -2.11 0.62 2.27
C GLY A 101 -2.39 0.55 0.78
N ARG A 102 -1.59 -0.28 0.10
CA ARG A 102 -1.87 -0.75 -1.23
C ARG A 102 -2.27 -2.22 -1.14
N LEU A 103 -3.21 -2.63 -2.01
CA LEU A 103 -3.64 -4.01 -2.15
C LEU A 103 -2.82 -4.66 -3.28
N HIS A 104 -2.37 -5.88 -3.02
CA HIS A 104 -1.61 -6.66 -3.98
C HIS A 104 -2.43 -7.91 -4.31
N PHE A 105 -2.96 -7.96 -5.53
CA PHE A 105 -3.91 -9.00 -5.93
C PHE A 105 -3.17 -10.15 -6.64
N GLY A 106 -3.46 -11.38 -6.23
CA GLY A 106 -3.11 -12.54 -7.02
C GLY A 106 -4.02 -12.64 -8.23
N ALA A 107 -3.60 -13.44 -9.20
CA ALA A 107 -4.30 -13.59 -10.47
C ALA A 107 -5.47 -14.58 -10.37
N GLY A 108 -5.61 -15.30 -9.25
CA GLY A 108 -6.77 -16.13 -9.01
C GLY A 108 -6.56 -17.59 -9.38
N THR A 109 -7.39 -18.44 -8.78
CA THR A 109 -7.51 -19.87 -9.09
C THR A 109 -8.93 -20.13 -9.60
N GLN A 110 -9.07 -20.76 -10.77
CA GLN A 110 -10.41 -21.14 -11.31
C GLN A 110 -10.77 -22.56 -10.83
N LEU A 111 -11.86 -22.66 -10.07
CA LEU A 111 -12.44 -23.92 -9.63
C LEU A 111 -13.68 -24.22 -10.48
N ILE A 112 -13.74 -25.44 -11.03
CA ILE A 112 -14.97 -25.97 -11.61
C ILE A 112 -15.42 -27.17 -10.78
N VAL A 113 -16.69 -27.18 -10.37
CA VAL A 113 -17.29 -28.29 -9.62
C VAL A 113 -18.29 -29.01 -10.54
N ILE A 114 -18.05 -30.29 -10.80
CA ILE A 114 -18.93 -31.11 -11.63
C ILE A 114 -20.12 -31.57 -10.77
N PRO A 115 -21.36 -31.28 -11.19
CA PRO A 115 -22.54 -31.63 -10.38
C PRO A 115 -22.80 -33.14 -10.45
N ASP A 116 -23.33 -33.67 -9.35
CA ASP A 116 -23.65 -35.09 -9.21
C ASP A 116 -25.10 -35.29 -9.65
N ILE A 117 -25.31 -35.91 -10.82
CA ILE A 117 -26.64 -36.19 -11.38
C ILE A 117 -27.08 -37.59 -10.91
N GLN A 118 -28.03 -37.63 -9.98
CA GLN A 118 -28.44 -38.88 -9.31
C GLN A 118 -29.20 -39.79 -10.28
N ASN A 119 -30.28 -39.24 -10.86
CA ASN A 119 -31.31 -40.01 -11.54
C ASN A 119 -31.38 -39.56 -13.00
N PRO A 120 -30.40 -39.93 -13.86
CA PRO A 120 -30.42 -39.52 -15.26
C PRO A 120 -31.58 -40.14 -16.05
N ASP A 121 -31.97 -39.46 -17.13
CA ASP A 121 -33.09 -39.84 -17.98
C ASP A 121 -32.87 -39.21 -19.36
N PRO A 122 -31.75 -39.56 -20.03
CA PRO A 122 -31.33 -38.84 -21.24
C PRO A 122 -32.42 -38.88 -22.32
N ALA A 123 -32.69 -37.72 -22.93
CA ALA A 123 -33.72 -37.59 -23.96
C ALA A 123 -33.42 -36.40 -24.88
N VAL A 124 -34.01 -36.45 -26.07
CA VAL A 124 -33.91 -35.37 -27.03
C VAL A 124 -35.33 -34.96 -27.43
N TYR A 125 -35.68 -33.70 -27.12
CA TYR A 125 -37.01 -33.18 -27.37
C TYR A 125 -36.93 -32.10 -28.44
N GLN A 126 -38.04 -31.95 -29.19
CA GLN A 126 -38.20 -30.87 -30.12
C GLN A 126 -39.11 -29.82 -29.49
N LEU A 127 -38.68 -28.55 -29.57
CA LEU A 127 -39.44 -27.42 -29.05
C LEU A 127 -39.76 -26.47 -30.22
N ARG A 128 -40.98 -25.93 -30.25
CA ARG A 128 -41.41 -25.07 -31.35
C ARG A 128 -41.42 -23.60 -30.90
N ASP A 129 -41.08 -22.70 -31.83
CA ASP A 129 -41.04 -21.26 -31.63
C ASP A 129 -42.44 -20.76 -31.24
N SER A 130 -42.49 -19.80 -30.31
CA SER A 130 -43.76 -19.28 -29.77
C SER A 130 -44.55 -18.49 -30.83
N LYS A 131 -43.86 -17.85 -31.79
CA LYS A 131 -44.53 -17.02 -32.81
C LYS A 131 -44.70 -17.84 -34.10
N SER A 132 -43.59 -18.26 -34.71
CA SER A 132 -43.61 -18.96 -36.00
C SER A 132 -43.27 -20.44 -35.78
N SER A 133 -44.32 -21.28 -35.71
CA SER A 133 -44.23 -22.67 -35.25
C SER A 133 -43.41 -23.55 -36.21
N ASP A 134 -43.06 -23.02 -37.39
CA ASP A 134 -42.19 -23.72 -38.35
C ASP A 134 -40.73 -23.78 -37.85
N LYS A 135 -40.33 -22.85 -36.99
CA LYS A 135 -38.99 -22.84 -36.40
C LYS A 135 -38.99 -23.72 -35.14
N SER A 136 -37.86 -24.40 -34.90
CA SER A 136 -37.73 -25.29 -33.73
C SER A 136 -36.26 -25.41 -33.30
N VAL A 137 -36.07 -25.96 -32.10
CA VAL A 137 -34.77 -26.33 -31.58
C VAL A 137 -34.89 -27.76 -31.04
N CYS A 138 -33.74 -28.43 -30.90
CA CYS A 138 -33.63 -29.72 -30.29
C CYS A 138 -32.94 -29.61 -28.93
N LEU A 139 -33.57 -30.19 -27.90
CA LEU A 139 -33.06 -30.10 -26.54
C LEU A 139 -32.65 -31.49 -26.08
N PHE A 140 -31.33 -31.67 -25.90
CA PHE A 140 -30.76 -32.87 -25.30
C PHE A 140 -30.63 -32.61 -23.81
N THR A 141 -31.32 -33.38 -22.97
CA THR A 141 -31.38 -33.06 -21.55
C THR A 141 -31.34 -34.33 -20.70
N ASP A 142 -30.97 -34.13 -19.43
CA ASP A 142 -31.12 -35.10 -18.34
C ASP A 142 -30.09 -36.23 -18.46
N PHE A 143 -28.94 -35.94 -19.09
CA PHE A 143 -27.81 -36.88 -19.16
C PHE A 143 -26.86 -36.62 -17.99
N ASP A 144 -26.07 -37.63 -17.60
CA ASP A 144 -25.17 -37.48 -16.46
C ASP A 144 -23.86 -36.85 -16.96
N SER A 145 -23.01 -36.43 -16.02
CA SER A 145 -21.85 -35.60 -16.34
C SER A 145 -20.76 -36.43 -17.02
N GLN A 146 -20.93 -37.76 -17.07
CA GLN A 146 -20.07 -38.62 -17.86
C GLN A 146 -20.21 -38.27 -19.35
N THR A 147 -21.43 -37.91 -19.79
CA THR A 147 -21.69 -37.63 -21.21
C THR A 147 -21.08 -36.28 -21.62
N ASN A 148 -20.43 -36.27 -22.78
CA ASN A 148 -19.81 -35.10 -23.38
C ASN A 148 -20.55 -34.76 -24.69
N VAL A 149 -20.78 -33.47 -24.91
CA VAL A 149 -21.49 -32.99 -26.09
C VAL A 149 -20.45 -32.41 -27.05
N SER A 150 -20.41 -32.96 -28.27
CA SER A 150 -19.45 -32.54 -29.26
C SER A 150 -20.07 -31.46 -30.14
N GLN A 151 -19.23 -30.51 -30.58
CA GLN A 151 -19.59 -29.46 -31.54
C GLN A 151 -20.11 -30.12 -32.83
N SER A 152 -20.54 -29.27 -33.77
CA SER A 152 -21.38 -29.70 -34.89
C SER A 152 -20.53 -30.26 -36.05
N LYS A 153 -21.16 -31.13 -36.83
CA LYS A 153 -20.60 -31.69 -38.07
C LYS A 153 -20.77 -30.69 -39.21
N ASP A 154 -22.02 -30.31 -39.52
CA ASP A 154 -22.35 -29.36 -40.61
C ASP A 154 -22.12 -27.92 -40.13
N SER A 155 -21.75 -27.04 -41.08
CA SER A 155 -21.50 -25.62 -40.81
C SER A 155 -22.81 -24.88 -40.55
N ASP A 156 -23.91 -25.41 -41.08
CA ASP A 156 -25.23 -24.79 -40.99
C ASP A 156 -25.99 -25.31 -39.76
N VAL A 157 -25.32 -26.06 -38.87
CA VAL A 157 -25.93 -26.63 -37.67
C VAL A 157 -25.19 -26.09 -36.43
N TYR A 158 -25.94 -25.69 -35.41
CA TYR A 158 -25.39 -25.06 -34.22
C TYR A 158 -25.72 -25.91 -32.99
N ILE A 159 -24.71 -26.15 -32.15
CA ILE A 159 -24.87 -26.94 -30.96
C ILE A 159 -24.11 -26.24 -29.83
N THR A 160 -24.80 -26.03 -28.70
CA THR A 160 -24.23 -25.35 -27.55
C THR A 160 -23.47 -26.38 -26.71
N ASP A 161 -22.61 -25.89 -25.81
CA ASP A 161 -21.98 -26.72 -24.83
C ASP A 161 -23.05 -27.12 -23.80
N LYS A 162 -22.74 -28.11 -22.97
CA LYS A 162 -23.63 -28.55 -21.93
C LYS A 162 -23.66 -27.47 -20.84
N CYS A 163 -24.72 -27.49 -20.04
CA CYS A 163 -25.05 -26.43 -19.13
C CYS A 163 -25.95 -27.05 -18.05
N VAL A 164 -25.61 -26.86 -16.78
CA VAL A 164 -26.41 -27.42 -15.69
C VAL A 164 -27.31 -26.34 -15.10
N LEU A 165 -28.60 -26.65 -14.95
CA LEU A 165 -29.53 -25.78 -14.23
C LEU A 165 -29.92 -26.45 -12.91
N ASP A 166 -30.40 -25.64 -11.99
CA ASP A 166 -30.68 -26.05 -10.63
C ASP A 166 -32.05 -25.51 -10.21
N MET A 167 -33.05 -26.41 -10.21
CA MET A 167 -34.39 -26.13 -9.74
C MET A 167 -34.40 -26.26 -8.21
N ARG A 168 -34.15 -25.14 -7.53
CA ARG A 168 -33.72 -25.09 -6.12
C ARG A 168 -34.81 -25.64 -5.19
N SER A 169 -36.07 -25.26 -5.42
CA SER A 169 -37.17 -25.64 -4.54
C SER A 169 -37.41 -27.16 -4.56
N MET A 170 -37.05 -27.83 -5.66
CA MET A 170 -37.25 -29.28 -5.83
C MET A 170 -35.94 -30.05 -5.60
N ASP A 171 -34.83 -29.35 -5.30
CA ASP A 171 -33.50 -29.94 -5.12
C ASP A 171 -33.17 -30.85 -6.31
N PHE A 172 -33.14 -30.29 -7.51
CA PHE A 172 -33.01 -31.06 -8.73
C PHE A 172 -32.13 -30.30 -9.74
N LYS A 173 -31.12 -31.01 -10.27
CA LYS A 173 -30.21 -30.48 -11.27
C LYS A 173 -30.34 -31.31 -12.54
N SER A 174 -30.14 -30.68 -13.70
CA SER A 174 -30.11 -31.38 -14.95
C SER A 174 -29.21 -30.65 -15.95
N ASN A 175 -28.46 -31.45 -16.72
CA ASN A 175 -27.64 -31.01 -17.81
C ASN A 175 -28.53 -30.86 -19.06
N SER A 176 -28.13 -29.97 -19.96
CA SER A 176 -28.78 -29.89 -21.27
C SER A 176 -27.83 -29.23 -22.26
N ALA A 177 -28.10 -29.49 -23.54
CA ALA A 177 -27.50 -28.79 -24.65
C ALA A 177 -28.58 -28.59 -25.72
N VAL A 178 -28.39 -27.57 -26.55
CA VAL A 178 -29.38 -27.15 -27.51
C VAL A 178 -28.74 -27.20 -28.90
N ALA A 179 -29.52 -27.64 -29.89
CA ALA A 179 -29.10 -27.66 -31.28
C ALA A 179 -30.23 -27.14 -32.16
N TRP A 180 -29.85 -26.40 -33.21
CA TRP A 180 -30.79 -25.90 -34.21
C TRP A 180 -30.06 -25.70 -35.54
N SER A 181 -30.82 -25.43 -36.60
CA SER A 181 -30.28 -25.26 -37.96
C SER A 181 -31.33 -24.62 -38.89
N ASN A 182 -30.84 -23.80 -39.84
CA ASN A 182 -31.67 -23.16 -40.86
C ASN A 182 -32.08 -24.20 -41.92
N LYS A 183 -31.40 -25.34 -41.98
CA LYS A 183 -31.73 -26.44 -42.89
C LYS A 183 -32.98 -27.18 -42.36
N PHE A 186 -32.95 -31.05 -41.34
CA PHE A 186 -32.50 -31.17 -39.95
C PHE A 186 -33.64 -31.68 -39.06
N ALA A 187 -33.39 -32.81 -38.39
CA ALA A 187 -34.28 -33.40 -37.41
C ALA A 187 -33.51 -33.66 -36.11
N CYS A 188 -34.25 -33.84 -35.01
CA CYS A 188 -33.67 -34.04 -33.70
C CYS A 188 -33.06 -35.45 -33.58
N ALA A 189 -33.57 -36.40 -34.37
CA ALA A 189 -33.01 -37.75 -34.45
C ALA A 189 -31.52 -37.70 -34.80
N ASN A 190 -31.15 -36.78 -35.68
CA ASN A 190 -29.82 -36.68 -36.27
C ASN A 190 -28.99 -35.56 -35.61
N ALA A 191 -29.61 -34.75 -34.75
CA ALA A 191 -29.00 -33.50 -34.26
C ALA A 191 -27.68 -33.76 -33.53
N PHE A 192 -27.63 -34.78 -32.67
CA PHE A 192 -26.48 -35.02 -31.78
C PHE A 192 -25.70 -36.28 -32.18
N ASN A 193 -25.70 -36.60 -33.48
CA ASN A 193 -25.02 -37.79 -34.02
C ASN A 193 -23.51 -37.73 -33.75
N ASN A 194 -22.93 -36.53 -33.77
CA ASN A 194 -21.49 -36.31 -33.60
C ASN A 194 -21.08 -36.51 -32.13
N SER A 195 -22.05 -36.74 -31.24
CA SER A 195 -21.80 -36.91 -29.81
C SER A 195 -22.01 -38.38 -29.41
N ILE A 196 -21.13 -38.88 -28.55
CA ILE A 196 -21.30 -40.18 -27.91
C ILE A 196 -22.38 -40.01 -26.82
N ILE A 197 -23.63 -40.34 -27.18
CA ILE A 197 -24.79 -40.18 -26.29
C ILE A 197 -25.23 -41.54 -25.79
N PRO A 198 -25.81 -41.64 -24.57
CA PRO A 198 -26.24 -42.93 -24.02
C PRO A 198 -27.14 -43.73 -24.96
N GLU A 199 -27.07 -45.06 -24.85
CA GLU A 199 -27.81 -46.01 -25.69
C GLU A 199 -29.31 -45.89 -25.41
N ASP A 200 -29.67 -45.68 -24.13
CA ASP A 200 -31.06 -45.65 -23.69
C ASP A 200 -31.67 -44.24 -23.81
N THR A 201 -31.07 -43.36 -24.65
CA THR A 201 -31.57 -41.99 -24.87
C THR A 201 -32.98 -42.04 -25.47
N PHE A 202 -33.93 -41.35 -24.82
CA PHE A 202 -35.33 -41.33 -25.24
C PHE A 202 -35.51 -40.34 -26.40
N PHE A 203 -35.86 -40.86 -27.58
CA PHE A 203 -36.27 -40.09 -28.75
C PHE A 203 -37.76 -40.33 -28.98
N PRO A 204 -38.66 -39.42 -28.54
CA PRO A 204 -40.10 -39.65 -28.65
C PRO A 204 -40.69 -39.45 -30.06
N SER A 205 -41.94 -39.87 -30.22
CA SER A 205 -42.84 -39.47 -31.32
C SER A 205 -43.87 -40.59 -31.57
N ALA B 3 -21.91 -0.38 3.61
CA ALA B 3 -21.12 0.58 2.78
C ALA B 3 -21.18 0.16 1.31
N ALA B 4 -22.03 0.82 0.52
CA ALA B 4 -22.35 0.43 -0.87
C ALA B 4 -21.68 1.39 -1.87
N VAL B 5 -21.41 0.86 -3.07
CA VAL B 5 -20.73 1.56 -4.16
C VAL B 5 -21.38 1.11 -5.48
N THR B 6 -21.70 2.05 -6.36
CA THR B 6 -22.33 1.75 -7.65
C THR B 6 -21.45 2.29 -8.78
N GLN B 7 -21.60 1.68 -9.96
CA GLN B 7 -20.85 2.06 -11.14
C GLN B 7 -21.79 2.23 -12.32
N SER B 8 -21.52 3.22 -13.17
CA SER B 8 -22.24 3.38 -14.43
C SER B 8 -21.28 3.82 -15.52
N PRO B 9 -21.49 3.35 -16.76
CA PRO B 9 -22.40 2.27 -17.09
C PRO B 9 -21.87 0.94 -16.55
N ARG B 10 -22.67 -0.12 -16.64
CA ARG B 10 -22.26 -1.44 -16.22
C ARG B 10 -21.61 -2.20 -17.38
N ASN B 11 -21.89 -1.73 -18.60
CA ASN B 11 -21.38 -2.34 -19.80
C ASN B 11 -21.34 -1.27 -20.89
N LYS B 12 -20.27 -1.26 -21.69
CA LYS B 12 -20.09 -0.23 -22.71
C LYS B 12 -19.32 -0.82 -23.88
N VAL B 13 -19.84 -0.59 -25.09
CA VAL B 13 -19.13 -0.80 -26.34
C VAL B 13 -18.77 0.56 -26.92
N ALA B 14 -17.48 0.76 -27.21
CA ALA B 14 -16.90 2.02 -27.67
C ALA B 14 -16.03 1.77 -28.91
N VAL B 15 -15.76 2.84 -29.65
CA VAL B 15 -14.85 2.80 -30.81
C VAL B 15 -13.52 3.44 -30.43
N THR B 16 -12.42 2.96 -31.02
CA THR B 16 -11.09 3.57 -30.93
C THR B 16 -11.16 5.07 -31.25
N GLY B 17 -10.48 5.88 -30.44
CA GLY B 17 -10.42 7.32 -30.63
C GLY B 17 -11.53 8.06 -29.91
N GLY B 18 -12.58 7.36 -29.50
CA GLY B 18 -13.71 7.95 -28.81
C GLY B 18 -13.39 8.25 -27.35
N LYS B 19 -14.25 9.08 -26.74
CA LYS B 19 -14.15 9.42 -25.35
C LYS B 19 -15.11 8.54 -24.56
N VAL B 20 -14.61 7.95 -23.48
CA VAL B 20 -15.39 7.10 -22.59
C VAL B 20 -15.19 7.58 -21.15
N THR B 21 -16.28 7.71 -20.40
CA THR B 21 -16.24 8.06 -19.00
C THR B 21 -16.90 6.95 -18.18
N LEU B 22 -16.15 6.39 -17.24
CA LEU B 22 -16.69 5.44 -16.30
C LEU B 22 -16.86 6.15 -14.95
N SER B 23 -18.05 6.02 -14.36
CA SER B 23 -18.40 6.76 -13.15
C SER B 23 -18.61 5.79 -11.99
N CYS B 24 -18.27 6.27 -10.80
CA CYS B 24 -18.45 5.56 -9.59
C CYS B 24 -19.11 6.50 -8.58
N ASN B 25 -20.15 6.00 -7.91
CA ASN B 25 -20.89 6.76 -6.91
C ASN B 25 -20.94 5.96 -5.60
N GLN B 26 -20.87 6.72 -4.52
CA GLN B 26 -20.54 6.27 -3.20
C GLN B 26 -21.23 7.20 -2.20
N THR B 27 -22.18 6.69 -1.39
CA THR B 27 -22.93 7.54 -0.45
C THR B 27 -22.52 7.28 1.01
N ASN B 28 -21.30 6.77 1.21
CA ASN B 28 -20.81 6.33 2.52
C ASN B 28 -20.08 7.47 3.23
N ASN B 29 -19.96 8.61 2.54
CA ASN B 29 -19.12 9.73 2.96
C ASN B 29 -17.65 9.27 3.15
N HIS B 30 -17.19 8.36 2.27
CA HIS B 30 -15.77 7.93 2.25
C HIS B 30 -14.90 8.99 1.56
N ASN B 31 -13.79 9.37 2.20
CA ASN B 31 -12.82 10.29 1.61
C ASN B 31 -12.17 9.64 0.37
N ASN B 32 -11.95 8.31 0.43
CA ASN B 32 -10.94 7.66 -0.41
C ASN B 32 -11.62 6.79 -1.46
N MET B 33 -11.25 6.97 -2.74
CA MET B 33 -11.80 6.13 -3.82
C MET B 33 -10.68 5.70 -4.78
N TYR B 34 -10.91 4.57 -5.45
CA TYR B 34 -9.86 3.84 -6.13
C TYR B 34 -10.45 3.19 -7.38
N TRP B 35 -9.71 3.29 -8.51
CA TRP B 35 -10.09 2.66 -9.75
C TRP B 35 -9.04 1.59 -10.11
N TYR B 36 -9.54 0.40 -10.48
CA TYR B 36 -8.73 -0.73 -10.87
C TYR B 36 -9.24 -1.29 -12.21
N ARG B 37 -8.36 -1.99 -12.93
CA ARG B 37 -8.80 -2.84 -14.05
C ARG B 37 -8.36 -4.29 -13.79
N GLN B 38 -9.20 -5.21 -14.25
CA GLN B 38 -9.00 -6.65 -14.13
C GLN B 38 -8.96 -7.29 -15.52
N ASP B 39 -7.81 -7.90 -15.85
CA ASP B 39 -7.56 -8.58 -17.12
C ASP B 39 -7.08 -10.00 -16.82
N THR B 40 -7.55 -10.95 -17.64
CA THR B 40 -7.25 -12.36 -17.45
C THR B 40 -5.73 -12.53 -17.34
N GLY B 41 -5.31 -13.35 -16.38
CA GLY B 41 -3.89 -13.62 -16.16
C GLY B 41 -3.23 -12.61 -15.24
N HIS B 42 -3.96 -11.56 -14.83
CA HIS B 42 -3.42 -10.58 -13.90
C HIS B 42 -4.39 -10.41 -12.72
N GLY B 43 -3.84 -10.00 -11.58
CA GLY B 43 -4.67 -9.48 -10.50
C GLY B 43 -5.20 -8.11 -10.86
N LEU B 44 -6.16 -7.60 -10.09
CA LEU B 44 -6.59 -6.20 -10.24
C LEU B 44 -5.35 -5.30 -10.12
N ARG B 45 -5.29 -4.28 -10.99
CA ARG B 45 -4.21 -3.30 -11.01
C ARG B 45 -4.79 -1.89 -10.84
N LEU B 46 -4.18 -1.12 -9.94
CA LEU B 46 -4.58 0.23 -9.59
C LEU B 46 -4.20 1.22 -10.70
N ILE B 47 -5.18 2.00 -11.17
CA ILE B 47 -5.01 2.97 -12.24
C ILE B 47 -4.82 4.36 -11.63
N HIS B 48 -5.85 4.82 -10.90
CA HIS B 48 -5.89 6.13 -10.22
C HIS B 48 -6.66 5.98 -8.91
N TYR B 49 -6.39 6.88 -7.96
CA TYR B 49 -7.12 6.94 -6.71
C TYR B 49 -7.24 8.41 -6.28
N SER B 50 -7.97 8.64 -5.19
CA SER B 50 -8.29 9.98 -4.75
C SER B 50 -8.52 9.99 -3.25
N TYR B 51 -7.94 10.98 -2.55
CA TYR B 51 -8.11 11.13 -1.12
C TYR B 51 -9.21 12.16 -0.76
N GLY B 52 -9.90 12.71 -1.77
CA GLY B 52 -11.04 13.60 -1.54
C GLY B 52 -11.30 14.46 -2.77
N ALA B 53 -12.44 15.16 -2.75
CA ALA B 53 -12.85 16.07 -3.82
C ALA B 53 -11.64 16.91 -4.25
N GLY B 54 -11.35 16.95 -5.55
CA GLY B 54 -10.22 17.74 -6.07
C GLY B 54 -8.90 16.96 -6.13
N SER B 55 -8.76 15.88 -5.36
CA SER B 55 -7.54 15.05 -5.35
C SER B 55 -7.69 13.97 -6.42
N THR B 56 -6.66 13.84 -7.25
CA THR B 56 -6.47 12.63 -8.01
C THR B 56 -4.99 12.29 -7.93
N GLU B 57 -4.70 10.98 -7.85
CA GLU B 57 -3.36 10.48 -7.76
C GLU B 57 -3.19 9.33 -8.74
N LYS B 58 -2.01 9.27 -9.35
CA LYS B 58 -1.63 8.21 -10.23
C LYS B 58 -1.40 6.94 -9.42
N GLY B 59 -1.95 5.82 -9.93
CA GLY B 59 -1.70 4.50 -9.40
C GLY B 59 -0.54 3.85 -10.14
N ASP B 60 -0.63 2.52 -10.34
CA ASP B 60 0.46 1.76 -10.93
C ASP B 60 0.40 1.82 -12.46
N ILE B 61 -0.79 1.91 -13.05
CA ILE B 61 -0.91 1.90 -14.51
C ILE B 61 -1.81 3.05 -14.98
N PRO B 62 -1.41 4.31 -14.74
CA PRO B 62 -2.24 5.46 -15.08
C PRO B 62 -2.33 5.83 -16.57
N ASP B 63 -1.35 5.39 -17.38
CA ASP B 63 -1.21 5.93 -18.75
C ASP B 63 -2.47 5.62 -19.58
N GLY B 64 -3.01 6.67 -20.23
CA GLY B 64 -4.17 6.55 -21.11
C GLY B 64 -5.48 6.82 -20.39
N TYR B 65 -5.40 7.13 -19.09
CA TYR B 65 -6.56 7.41 -18.26
C TYR B 65 -6.35 8.75 -17.55
N LYS B 66 -7.46 9.48 -17.39
CA LYS B 66 -7.52 10.64 -16.56
C LYS B 66 -8.58 10.35 -15.49
N ALA B 67 -8.30 10.77 -14.25
CA ALA B 67 -9.24 10.63 -13.15
C ALA B 67 -9.86 11.99 -12.86
N SER B 68 -11.06 12.00 -12.29
CA SER B 68 -11.73 13.22 -11.88
C SER B 68 -12.54 12.96 -10.61
N ARG B 69 -12.33 13.78 -9.58
CA ARG B 69 -13.09 13.65 -8.33
C ARG B 69 -13.79 14.98 -8.08
N PRO B 70 -14.94 15.24 -8.73
CA PRO B 70 -15.63 16.53 -8.60
C PRO B 70 -16.29 16.71 -7.22
N SER B 71 -16.60 15.60 -6.52
CA SER B 71 -17.30 15.63 -5.24
C SER B 71 -16.87 14.42 -4.40
N GLN B 72 -17.24 14.46 -3.11
CA GLN B 72 -17.02 13.37 -2.18
C GLN B 72 -17.66 12.10 -2.73
N GLU B 73 -18.85 12.25 -3.36
CA GLU B 73 -19.68 11.12 -3.84
C GLU B 73 -19.12 10.46 -5.12
N ASN B 74 -18.51 11.21 -6.03
CA ASN B 74 -18.31 10.74 -7.41
C ASN B 74 -16.83 10.75 -7.79
N PHE B 75 -16.39 9.65 -8.42
CA PHE B 75 -15.03 9.51 -8.94
C PHE B 75 -15.14 8.92 -10.35
N SER B 76 -14.57 9.63 -11.34
CA SER B 76 -14.70 9.27 -12.73
C SER B 76 -13.34 8.90 -13.31
N LEU B 77 -13.37 7.90 -14.18
CA LEU B 77 -12.27 7.50 -15.00
C LEU B 77 -12.59 7.88 -16.44
N ILE B 78 -11.74 8.72 -17.03
CA ILE B 78 -11.98 9.27 -18.35
C ILE B 78 -10.91 8.73 -19.29
N LEU B 79 -11.38 8.06 -20.35
CA LEU B 79 -10.56 7.59 -21.46
C LEU B 79 -10.76 8.58 -22.61
N GLU B 80 -9.80 9.50 -22.75
CA GLU B 80 -9.95 10.63 -23.65
C GLU B 80 -9.93 10.12 -25.10
N LEU B 81 -8.99 9.23 -25.40
CA LEU B 81 -8.82 8.60 -26.71
C LEU B 81 -8.76 7.08 -26.53
N ALA B 82 -9.93 6.44 -26.53
CA ALA B 82 -10.03 5.03 -26.17
C ALA B 82 -9.22 4.18 -27.16
N THR B 83 -8.58 3.13 -26.64
CA THR B 83 -7.85 2.17 -27.47
C THR B 83 -8.30 0.76 -27.11
N PRO B 84 -8.16 -0.21 -28.05
CA PRO B 84 -8.46 -1.62 -27.78
C PRO B 84 -7.78 -2.23 -26.56
N SER B 85 -6.59 -1.72 -26.20
CA SER B 85 -5.87 -2.22 -25.03
C SER B 85 -6.64 -1.91 -23.73
N GLN B 86 -7.64 -1.02 -23.79
CA GLN B 86 -8.44 -0.62 -22.62
C GLN B 86 -9.71 -1.46 -22.50
N THR B 87 -9.91 -2.41 -23.42
CA THR B 87 -10.93 -3.45 -23.25
C THR B 87 -10.61 -4.19 -21.95
N SER B 88 -11.55 -4.19 -21.00
CA SER B 88 -11.27 -4.68 -19.64
C SER B 88 -12.54 -4.66 -18.80
N VAL B 89 -12.42 -5.17 -17.58
CA VAL B 89 -13.41 -4.99 -16.53
C VAL B 89 -12.80 -4.02 -15.51
N TYR B 90 -13.53 -2.95 -15.21
CA TYR B 90 -13.06 -1.88 -14.33
C TYR B 90 -13.83 -1.94 -13.03
N PHE B 91 -13.11 -1.83 -11.91
CA PHE B 91 -13.69 -1.87 -10.60
C PHE B 91 -13.30 -0.61 -9.85
N CYS B 92 -14.32 0.02 -9.25
CA CYS B 92 -14.18 1.14 -8.38
C CYS B 92 -14.31 0.64 -6.94
N ALA B 93 -13.61 1.29 -6.02
CA ALA B 93 -13.80 1.01 -4.61
C ALA B 93 -13.69 2.32 -3.83
N SER B 94 -14.20 2.30 -2.60
CA SER B 94 -14.13 3.41 -1.68
C SER B 94 -13.74 2.89 -0.29
N GLY B 95 -13.27 3.81 0.56
CA GLY B 95 -13.00 3.50 1.96
C GLY B 95 -12.74 4.75 2.78
N ASP B 96 -12.72 4.57 4.11
CA ASP B 96 -12.39 5.63 5.05
C ASP B 96 -10.94 5.42 5.48
N GLU B 97 -10.59 5.81 6.71
CA GLU B 97 -9.19 5.74 7.17
C GLU B 97 -8.76 4.28 7.36
N GLY B 98 -9.71 3.35 7.54
CA GLY B 98 -9.45 1.90 7.68
C GLY B 98 -8.96 1.29 6.37
N TYR B 99 -8.40 0.07 6.44
CA TYR B 99 -7.77 -0.55 5.28
C TYR B 99 -8.81 -1.14 4.31
N THR B 100 -10.05 -1.36 4.74
CA THR B 100 -11.03 -2.03 3.87
C THR B 100 -11.34 -1.15 2.65
N GLN B 101 -11.28 -1.75 1.46
CA GLN B 101 -11.80 -1.14 0.26
C GLN B 101 -13.09 -1.88 -0.08
N TYR B 102 -14.18 -1.11 -0.24
CA TYR B 102 -15.52 -1.63 -0.59
C TYR B 102 -15.70 -1.49 -2.10
N PHE B 103 -15.75 -2.62 -2.81
CA PHE B 103 -15.71 -2.67 -4.27
C PHE B 103 -17.11 -2.53 -4.86
N GLY B 104 -17.21 -1.79 -5.97
CA GLY B 104 -18.39 -1.77 -6.82
C GLY B 104 -18.52 -3.06 -7.62
N PRO B 105 -19.60 -3.22 -8.42
CA PRO B 105 -19.89 -4.47 -9.12
C PRO B 105 -19.14 -4.68 -10.43
N GLY B 106 -18.43 -3.67 -10.91
CA GLY B 106 -17.60 -3.78 -12.10
C GLY B 106 -18.31 -3.24 -13.33
N THR B 107 -17.50 -2.72 -14.27
CA THR B 107 -17.95 -2.24 -15.56
C THR B 107 -17.15 -2.95 -16.65
N ARG B 108 -17.85 -3.56 -17.61
CA ARG B 108 -17.21 -4.21 -18.77
C ARG B 108 -17.14 -3.21 -19.93
N LEU B 109 -15.92 -2.99 -20.43
CA LEU B 109 -15.69 -2.10 -21.55
C LEU B 109 -15.03 -2.91 -22.68
N LEU B 110 -15.60 -2.79 -23.87
CA LEU B 110 -15.00 -3.27 -25.10
C LEU B 110 -14.81 -2.07 -26.02
N VAL B 111 -13.57 -1.90 -26.48
CA VAL B 111 -13.20 -0.88 -27.45
C VAL B 111 -12.92 -1.58 -28.78
N LEU B 112 -13.81 -1.39 -29.77
CA LEU B 112 -13.67 -1.96 -31.12
C LEU B 112 -12.87 -1.00 -32.00
N GLU B 113 -12.23 -1.52 -33.03
CA GLU B 113 -11.51 -0.67 -33.98
C GLU B 113 -12.53 0.12 -34.80
N ASP B 114 -13.71 -0.46 -34.98
CA ASP B 114 -14.73 0.03 -35.89
C ASP B 114 -16.09 -0.52 -35.47
N LEU B 115 -17.15 0.27 -35.67
CA LEU B 115 -18.51 -0.09 -35.24
C LEU B 115 -19.35 -0.66 -36.40
N ARG B 116 -18.74 -0.91 -37.57
CA ARG B 116 -19.52 -1.17 -38.80
C ARG B 116 -20.34 -2.46 -38.69
N ASN B 117 -19.89 -3.42 -37.87
CA ASN B 117 -20.50 -4.76 -37.78
C ASN B 117 -21.51 -4.88 -36.63
N VAL B 118 -21.71 -3.80 -35.85
CA VAL B 118 -22.53 -3.88 -34.63
C VAL B 118 -24.00 -4.13 -35.04
N THR B 119 -24.64 -5.12 -34.41
CA THR B 119 -25.97 -5.59 -34.77
C THR B 119 -26.68 -6.15 -33.54
N PRO B 120 -27.94 -5.75 -33.27
CA PRO B 120 -28.67 -6.28 -32.13
C PRO B 120 -29.16 -7.70 -32.39
N PRO B 121 -29.53 -8.47 -31.34
CA PRO B 121 -30.02 -9.84 -31.53
C PRO B 121 -31.47 -9.88 -32.04
N LYS B 122 -31.81 -10.98 -32.73
CA LYS B 122 -33.17 -11.49 -32.80
C LYS B 122 -33.35 -12.42 -31.61
N VAL B 123 -34.51 -12.39 -30.97
CA VAL B 123 -34.78 -13.25 -29.83
C VAL B 123 -36.04 -14.07 -30.10
N SER B 124 -35.94 -15.39 -29.90
CA SER B 124 -37.04 -16.32 -30.07
C SER B 124 -37.15 -17.18 -28.82
N LEU B 125 -38.39 -17.46 -28.40
CA LEU B 125 -38.68 -18.31 -27.25
C LEU B 125 -39.32 -19.60 -27.76
N PHE B 126 -38.76 -20.75 -27.37
CA PHE B 126 -39.26 -22.05 -27.74
C PHE B 126 -39.98 -22.67 -26.54
N GLU B 127 -41.21 -23.13 -26.79
CA GLU B 127 -42.11 -23.60 -25.75
C GLU B 127 -41.84 -25.08 -25.46
N PRO B 128 -42.10 -25.55 -24.22
CA PRO B 128 -41.81 -26.92 -23.82
C PRO B 128 -42.49 -27.98 -24.68
N SER B 129 -41.79 -29.09 -24.92
CA SER B 129 -42.35 -30.23 -25.64
C SER B 129 -43.32 -30.97 -24.71
N LYS B 130 -44.43 -31.43 -25.29
CA LYS B 130 -45.43 -32.20 -24.55
C LYS B 130 -44.84 -33.56 -24.17
N ALA B 131 -43.91 -34.05 -25.00
CA ALA B 131 -43.16 -35.29 -24.71
C ALA B 131 -42.35 -35.13 -23.41
N GLU B 132 -41.71 -33.97 -23.23
CA GLU B 132 -40.93 -33.76 -22.00
C GLU B 132 -41.89 -33.77 -20.80
N ILE B 133 -43.03 -33.10 -20.95
CA ILE B 133 -44.00 -32.90 -19.87
C ILE B 133 -44.55 -34.25 -19.40
N SER B 134 -44.91 -35.13 -20.35
CA SER B 134 -45.46 -36.44 -19.98
C SER B 134 -44.35 -37.35 -19.45
N HIS B 135 -43.13 -37.24 -19.99
CA HIS B 135 -42.02 -38.10 -19.59
C HIS B 135 -41.47 -37.71 -18.21
N THR B 136 -41.44 -36.40 -17.88
CA THR B 136 -40.69 -35.93 -16.69
C THR B 136 -41.54 -35.13 -15.70
N GLN B 137 -42.76 -34.73 -16.10
CA GLN B 137 -43.57 -33.74 -15.37
C GLN B 137 -42.77 -32.43 -15.17
N LYS B 138 -41.85 -32.14 -16.09
CA LYS B 138 -41.16 -30.86 -16.11
C LYS B 138 -41.31 -30.27 -17.51
N ALA B 139 -41.09 -28.95 -17.60
CA ALA B 139 -41.26 -28.18 -18.81
C ALA B 139 -40.06 -27.25 -18.99
N THR B 140 -39.30 -27.45 -20.07
CA THR B 140 -38.13 -26.63 -20.38
C THR B 140 -38.48 -25.66 -21.50
N LEU B 141 -38.37 -24.36 -21.19
CA LEU B 141 -38.40 -23.30 -22.20
C LEU B 141 -36.95 -23.03 -22.65
N VAL B 142 -36.80 -22.67 -23.93
CA VAL B 142 -35.52 -22.31 -24.46
C VAL B 142 -35.64 -20.95 -25.15
N CYS B 143 -34.66 -20.09 -24.85
CA CYS B 143 -34.50 -18.79 -25.45
C CYS B 143 -33.24 -18.79 -26.33
N LEU B 144 -33.39 -18.23 -27.53
CA LEU B 144 -32.33 -18.13 -28.51
C LEU B 144 -32.15 -16.67 -28.93
N ALA B 145 -30.98 -16.10 -28.65
CA ALA B 145 -30.56 -14.82 -29.20
C ALA B 145 -29.60 -15.11 -30.34
N THR B 146 -29.85 -14.53 -31.53
CA THR B 146 -29.09 -14.81 -32.73
C THR B 146 -28.76 -13.51 -33.49
N GLY B 147 -27.66 -13.55 -34.24
CA GLY B 147 -27.30 -12.54 -35.23
C GLY B 147 -26.67 -11.30 -34.63
N PHE B 148 -26.18 -11.37 -33.38
CA PHE B 148 -25.75 -10.15 -32.72
C PHE B 148 -24.22 -10.00 -32.76
N TYR B 149 -23.76 -8.75 -32.70
CA TYR B 149 -22.35 -8.40 -32.61
C TYR B 149 -22.22 -7.03 -31.95
N PRO B 150 -21.25 -6.84 -31.05
CA PRO B 150 -20.34 -7.85 -30.51
C PRO B 150 -21.08 -8.70 -29.46
N ASP B 151 -20.35 -9.36 -28.57
CA ASP B 151 -20.92 -10.38 -27.68
C ASP B 151 -21.34 -9.81 -26.31
N HIS B 152 -21.58 -8.49 -26.23
CA HIS B 152 -21.96 -7.85 -24.94
C HIS B 152 -23.48 -7.85 -24.80
N VAL B 153 -24.01 -8.98 -24.32
CA VAL B 153 -25.45 -9.13 -24.07
C VAL B 153 -25.65 -9.69 -22.66
N GLU B 154 -26.77 -9.34 -22.04
CA GLU B 154 -27.21 -9.95 -20.77
C GLU B 154 -28.60 -10.55 -21.00
N LEU B 155 -28.70 -11.86 -20.84
CA LEU B 155 -29.95 -12.58 -21.03
C LEU B 155 -30.56 -12.86 -19.66
N SER B 156 -31.86 -12.55 -19.49
CA SER B 156 -32.55 -12.80 -18.22
C SER B 156 -33.97 -13.31 -18.48
N TRP B 157 -34.50 -14.04 -17.50
CA TRP B 157 -35.84 -14.62 -17.54
C TRP B 157 -36.76 -13.91 -16.53
N TRP B 158 -38.00 -13.67 -16.97
CA TRP B 158 -39.00 -12.94 -16.22
C TRP B 158 -40.31 -13.73 -16.24
N VAL B 159 -40.86 -13.99 -15.05
CA VAL B 159 -42.17 -14.58 -14.89
C VAL B 159 -43.06 -13.56 -14.17
N ASN B 160 -44.13 -13.15 -14.84
CA ASN B 160 -45.10 -12.19 -14.31
C ASN B 160 -44.38 -10.93 -13.81
N GLY B 161 -43.42 -10.44 -14.60
CA GLY B 161 -42.78 -9.16 -14.36
C GLY B 161 -41.69 -9.20 -13.30
N LYS B 162 -41.31 -10.39 -12.84
CA LYS B 162 -40.25 -10.53 -11.84
C LYS B 162 -39.20 -11.51 -12.35
N GLU B 163 -37.92 -11.12 -12.21
CA GLU B 163 -36.79 -11.90 -12.70
C GLU B 163 -36.71 -13.22 -11.92
N VAL B 164 -36.43 -14.32 -12.63
CA VAL B 164 -36.26 -15.67 -12.03
C VAL B 164 -34.82 -16.13 -12.27
N HIS B 165 -34.28 -16.85 -11.29
CA HIS B 165 -32.92 -17.41 -11.37
C HIS B 165 -32.95 -18.94 -11.24
N SER B 166 -33.83 -19.44 -10.36
CA SER B 166 -33.99 -20.86 -10.15
C SER B 166 -34.45 -21.52 -11.45
N GLY B 167 -33.78 -22.64 -11.79
CA GLY B 167 -34.12 -23.46 -12.94
C GLY B 167 -33.59 -22.88 -14.23
N VAL B 168 -32.68 -21.91 -14.14
CA VAL B 168 -32.14 -21.23 -15.32
C VAL B 168 -30.72 -21.73 -15.56
N CYS B 169 -30.34 -21.88 -16.82
CA CYS B 169 -28.93 -21.84 -17.15
C CYS B 169 -28.73 -21.28 -18.56
N THR B 170 -27.78 -20.35 -18.64
CA THR B 170 -27.43 -19.65 -19.87
C THR B 170 -26.01 -20.07 -20.28
N ASP B 171 -25.80 -20.32 -21.58
CA ASP B 171 -24.49 -20.72 -22.09
C ASP B 171 -23.44 -19.75 -21.53
N PRO B 172 -22.29 -20.26 -21.06
CA PRO B 172 -21.24 -19.38 -20.53
C PRO B 172 -20.67 -18.44 -21.60
N GLN B 173 -20.61 -18.87 -22.87
CA GLN B 173 -20.11 -18.03 -23.97
C GLN B 173 -21.07 -18.06 -25.15
N PRO B 174 -21.31 -16.91 -25.83
CA PRO B 174 -21.94 -16.93 -27.14
C PRO B 174 -21.12 -17.78 -28.12
N LEU B 175 -21.77 -18.42 -29.09
CA LEU B 175 -21.05 -19.15 -30.15
C LEU B 175 -21.10 -18.34 -31.46
N LYS B 176 -20.07 -18.50 -32.30
CA LYS B 176 -19.95 -17.79 -33.56
C LYS B 176 -20.78 -18.50 -34.64
N GLU B 177 -21.55 -17.71 -35.41
CA GLU B 177 -22.47 -18.24 -36.41
C GLU B 177 -21.69 -18.59 -37.69
N GLN B 178 -20.62 -17.82 -37.97
CA GLN B 178 -19.67 -18.05 -39.07
C GLN B 178 -18.25 -18.03 -38.52
N PRO B 179 -17.77 -19.12 -37.88
CA PRO B 179 -16.45 -19.11 -37.23
C PRO B 179 -15.27 -18.82 -38.19
N ALA B 180 -15.48 -19.01 -39.50
CA ALA B 180 -14.48 -18.71 -40.53
C ALA B 180 -14.30 -17.19 -40.68
N LEU B 181 -15.39 -16.42 -40.59
CA LEU B 181 -15.39 -14.96 -40.84
C LEU B 181 -14.80 -14.21 -39.63
N ASN B 182 -14.19 -13.05 -39.92
CA ASN B 182 -13.37 -12.29 -38.97
C ASN B 182 -14.23 -11.71 -37.84
N ASP B 183 -15.38 -11.14 -38.21
CA ASP B 183 -16.31 -10.51 -37.27
C ASP B 183 -17.64 -11.28 -37.29
N SER B 184 -17.57 -12.58 -37.01
CA SER B 184 -18.74 -13.42 -36.97
C SER B 184 -19.79 -12.79 -36.03
N ARG B 185 -21.06 -12.89 -36.42
CA ARG B 185 -22.15 -12.63 -35.52
C ARG B 185 -22.20 -13.79 -34.51
N TYR B 186 -22.93 -13.58 -33.41
CA TYR B 186 -22.99 -14.56 -32.33
C TYR B 186 -24.43 -15.06 -32.09
N SER B 187 -24.52 -16.24 -31.48
CA SER B 187 -25.75 -16.83 -30.96
C SER B 187 -25.56 -17.19 -29.48
N LEU B 188 -26.65 -17.16 -28.72
CA LEU B 188 -26.64 -17.51 -27.31
C LEU B 188 -27.98 -18.17 -26.98
N SER B 189 -27.93 -19.25 -26.20
CA SER B 189 -29.13 -19.94 -25.78
C SER B 189 -29.20 -19.95 -24.25
N SER B 190 -30.43 -20.03 -23.75
CA SER B 190 -30.69 -20.16 -22.34
C SER B 190 -31.87 -21.11 -22.14
N ARG B 191 -31.88 -21.80 -21.00
CA ARG B 191 -33.01 -22.65 -20.62
C ARG B 191 -33.62 -22.15 -19.32
N LEU B 192 -34.95 -22.25 -19.24
CA LEU B 192 -35.70 -22.13 -18.02
C LEU B 192 -36.56 -23.39 -17.87
N ARG B 193 -36.29 -24.16 -16.81
CA ARG B 193 -37.06 -25.37 -16.51
C ARG B 193 -37.93 -25.12 -15.28
N VAL B 194 -39.24 -25.41 -15.43
CA VAL B 194 -40.24 -25.30 -14.37
C VAL B 194 -41.02 -26.62 -14.32
N SER B 195 -41.82 -26.80 -13.26
CA SER B 195 -42.76 -27.94 -13.18
C SER B 195 -43.82 -27.81 -14.27
N ALA B 196 -44.35 -28.96 -14.72
CA ALA B 196 -45.39 -28.98 -15.75
C ALA B 196 -46.61 -28.15 -15.31
N THR B 197 -47.01 -28.28 -14.05
CA THR B 197 -48.19 -27.54 -13.55
C THR B 197 -47.93 -26.02 -13.63
N PHE B 198 -46.68 -25.59 -13.44
CA PHE B 198 -46.33 -24.17 -13.52
C PHE B 198 -46.49 -23.66 -14.97
N TRP B 199 -45.94 -24.44 -15.92
CA TRP B 199 -46.07 -24.11 -17.32
C TRP B 199 -47.54 -24.18 -17.74
N GLN B 200 -48.31 -25.08 -17.16
CA GLN B 200 -49.68 -25.35 -17.61
C GLN B 200 -50.65 -24.26 -17.13
N ASN B 201 -50.21 -23.44 -16.16
CA ASN B 201 -51.03 -22.39 -15.56
C ASN B 201 -51.08 -21.19 -16.49
N PRO B 202 -52.25 -20.88 -17.10
CA PRO B 202 -52.34 -19.80 -18.09
C PRO B 202 -52.26 -18.36 -17.54
N ARG B 203 -52.14 -18.22 -16.22
CA ARG B 203 -51.90 -16.94 -15.58
C ARG B 203 -50.39 -16.65 -15.49
N ASN B 204 -49.55 -17.60 -15.90
CA ASN B 204 -48.09 -17.42 -15.88
C ASN B 204 -47.60 -16.87 -17.23
N HIS B 205 -47.04 -15.67 -17.20
CA HIS B 205 -46.47 -15.02 -18.37
C HIS B 205 -44.94 -15.11 -18.32
N PHE B 206 -44.36 -15.76 -19.34
CA PHE B 206 -42.94 -16.01 -19.44
C PHE B 206 -42.32 -15.06 -20.46
N ARG B 207 -41.16 -14.49 -20.09
CA ARG B 207 -40.43 -13.63 -20.99
C ARG B 207 -38.92 -13.86 -20.84
N CYS B 208 -38.27 -14.00 -22.00
CA CYS B 208 -36.84 -14.00 -22.14
C CYS B 208 -36.43 -12.63 -22.66
N GLN B 209 -35.52 -11.96 -21.96
CA GLN B 209 -35.09 -10.62 -22.32
C GLN B 209 -33.57 -10.63 -22.57
N VAL B 210 -33.16 -9.97 -23.65
CA VAL B 210 -31.76 -9.78 -23.92
C VAL B 210 -31.47 -8.28 -23.97
N GLN B 211 -30.69 -7.82 -22.99
CA GLN B 211 -30.14 -6.48 -23.01
C GLN B 211 -28.91 -6.52 -23.93
N PHE B 212 -28.96 -5.74 -25.01
CA PHE B 212 -27.83 -5.62 -25.94
C PHE B 212 -27.13 -4.29 -25.72
N TYR B 213 -25.80 -4.32 -25.73
CA TYR B 213 -24.99 -3.12 -25.64
C TYR B 213 -24.37 -2.86 -27.02
N GLY B 214 -24.66 -1.67 -27.55
CA GLY B 214 -24.18 -1.24 -28.85
C GLY B 214 -23.94 0.26 -28.84
N LEU B 215 -24.44 0.96 -29.85
CA LEU B 215 -24.10 2.37 -30.04
C LEU B 215 -24.92 3.23 -29.06
N SER B 216 -24.40 4.42 -28.78
CA SER B 216 -25.13 5.46 -28.10
C SER B 216 -25.83 6.35 -29.14
N GLU B 217 -26.71 7.22 -28.64
CA GLU B 217 -27.32 8.34 -29.36
C GLU B 217 -26.24 9.18 -30.06
N ASN B 218 -25.13 9.44 -29.35
CA ASN B 218 -24.06 10.33 -29.79
C ASN B 218 -23.27 9.74 -30.97
N ASP B 219 -23.27 8.40 -31.14
CA ASP B 219 -22.38 7.74 -32.12
C ASP B 219 -22.89 7.97 -33.55
N GLU B 220 -21.95 8.24 -34.47
CA GLU B 220 -22.25 8.47 -35.90
C GLU B 220 -22.60 7.14 -36.56
N TRP B 221 -23.52 7.19 -37.53
CA TRP B 221 -23.97 6.01 -38.26
C TRP B 221 -24.17 6.37 -39.74
N THR B 222 -23.45 5.70 -40.63
CA THR B 222 -23.38 6.08 -42.04
C THR B 222 -24.04 5.02 -42.95
N GLN B 223 -24.38 3.86 -42.38
CA GLN B 223 -25.01 2.78 -43.13
C GLN B 223 -26.53 3.03 -43.22
N ASP B 224 -27.16 2.31 -44.17
CA ASP B 224 -28.56 2.45 -44.50
C ASP B 224 -29.44 1.79 -43.41
N ARG B 225 -29.02 0.62 -42.92
CA ARG B 225 -29.79 -0.12 -41.89
C ARG B 225 -29.92 0.72 -40.61
N ALA B 226 -30.87 0.34 -39.75
CA ALA B 226 -31.13 1.03 -38.50
C ALA B 226 -29.86 1.05 -37.63
N LYS B 227 -29.67 2.18 -36.95
CA LYS B 227 -28.55 2.39 -36.03
C LYS B 227 -28.62 1.36 -34.89
N PRO B 228 -27.60 0.48 -34.73
CA PRO B 228 -27.66 -0.60 -33.74
C PRO B 228 -27.34 -0.16 -32.30
N VAL B 229 -28.26 0.61 -31.73
CA VAL B 229 -28.13 1.19 -30.40
C VAL B 229 -28.32 0.10 -29.34
N THR B 230 -27.76 0.39 -28.16
CA THR B 230 -28.11 -0.29 -26.91
C THR B 230 -29.64 -0.41 -26.81
N GLN B 231 -30.14 -1.62 -26.54
CA GLN B 231 -31.59 -1.88 -26.53
C GLN B 231 -31.88 -3.26 -25.91
N ILE B 232 -33.15 -3.42 -25.48
CA ILE B 232 -33.70 -4.69 -25.07
C ILE B 232 -34.48 -5.29 -26.25
N VAL B 233 -34.27 -6.59 -26.46
CA VAL B 233 -35.07 -7.42 -27.36
C VAL B 233 -35.55 -8.60 -26.52
N SER B 234 -36.84 -8.93 -26.64
CA SER B 234 -37.41 -10.00 -25.83
C SER B 234 -38.44 -10.80 -26.63
N ALA B 235 -38.82 -11.93 -26.05
CA ALA B 235 -39.82 -12.84 -26.59
C ALA B 235 -40.57 -13.43 -25.39
N GLU B 236 -41.86 -13.67 -25.58
CA GLU B 236 -42.72 -14.03 -24.47
C GLU B 236 -43.73 -15.10 -24.92
N ALA B 237 -44.29 -15.79 -23.93
CA ALA B 237 -45.36 -16.75 -24.10
C ALA B 237 -46.07 -16.93 -22.76
N TRP B 238 -47.36 -17.29 -22.85
CA TRP B 238 -48.19 -17.60 -21.69
C TRP B 238 -48.22 -19.11 -21.49
N GLY B 239 -48.27 -19.53 -20.22
CA GLY B 239 -48.55 -20.92 -19.90
C GLY B 239 -49.92 -21.32 -20.43
N ARG B 240 -50.17 -22.64 -20.50
CA ARG B 240 -51.41 -23.21 -21.03
C ARG B 240 -51.52 -24.71 -20.70
N ALA B 241 -52.75 -25.19 -20.57
CA ALA B 241 -53.07 -26.61 -20.56
C ALA B 241 -53.03 -27.14 -22.00
N ASN C 7 21.15 8.41 36.27
CA ASN C 7 20.01 8.42 35.28
C ASN C 7 20.57 8.65 33.88
N TYR C 8 20.20 7.77 32.95
CA TYR C 8 20.66 7.84 31.58
C TYR C 8 19.45 7.95 30.65
N THR C 9 19.53 8.85 29.67
CA THR C 9 18.55 8.96 28.60
C THR C 9 19.11 8.33 27.33
N PHE C 10 18.36 7.37 26.81
CA PHE C 10 18.61 6.74 25.55
C PHE C 10 17.72 7.43 24.50
N ARG C 11 18.35 7.93 23.42
CA ARG C 11 17.68 8.75 22.39
C ARG C 11 18.01 8.19 20.99
N CYS C 12 16.99 7.74 20.27
CA CYS C 12 17.04 7.46 18.86
C CYS C 12 16.53 8.69 18.11
N LEU C 13 17.39 9.26 17.27
CA LEU C 13 17.12 10.51 16.57
C LEU C 13 17.09 10.23 15.08
N GLN C 14 15.91 10.40 14.47
CA GLN C 14 15.69 10.25 13.07
C GLN C 14 15.46 11.63 12.44
N MET C 15 16.12 11.88 11.31
CA MET C 15 15.90 13.08 10.52
C MET C 15 15.66 12.66 9.08
N SER C 16 14.49 13.06 8.56
CA SER C 16 14.02 12.69 7.24
C SER C 16 13.73 13.97 6.44
N SER C 17 14.37 14.07 5.26
CA SER C 17 14.15 15.16 4.29
C SER C 17 13.36 14.62 3.09
N PHE C 18 12.29 15.31 2.75
CA PHE C 18 11.52 15.08 1.53
C PHE C 18 11.59 16.35 0.69
N ALA C 19 12.33 16.30 -0.41
CA ALA C 19 12.63 17.49 -1.23
C ALA C 19 11.48 17.75 -2.21
N ASN C 20 10.86 16.67 -2.71
CA ASN C 20 9.74 16.71 -3.66
C ASN C 20 9.08 15.32 -3.63
N ARG C 21 8.14 15.06 -4.56
CA ARG C 21 7.37 13.82 -4.60
C ARG C 21 8.28 12.59 -4.63
N SER C 22 9.44 12.67 -5.27
CA SER C 22 10.27 11.49 -5.57
C SER C 22 11.44 11.33 -4.58
N TRP C 23 12.18 12.42 -4.30
CA TRP C 23 13.47 12.39 -3.57
C TRP C 23 13.24 12.46 -2.05
N SER C 24 13.86 11.51 -1.32
CA SER C 24 13.90 11.63 0.13
C SER C 24 15.12 10.89 0.69
N ARG C 25 15.49 11.24 1.93
CA ARG C 25 16.50 10.49 2.66
C ARG C 25 16.16 10.52 4.16
N THR C 26 16.46 9.40 4.83
CA THR C 26 16.30 9.24 6.27
C THR C 26 17.65 8.81 6.87
N ASP C 27 18.12 9.59 7.87
CA ASP C 27 19.35 9.30 8.60
C ASP C 27 19.03 9.31 10.11
N SER C 28 19.60 8.33 10.83
CA SER C 28 19.38 8.18 12.28
C SER C 28 20.73 8.06 13.02
N VAL C 29 20.76 8.62 14.23
CA VAL C 29 21.84 8.44 15.20
C VAL C 29 21.21 8.03 16.53
N VAL C 30 21.94 7.28 17.34
CA VAL C 30 21.45 6.82 18.65
C VAL C 30 22.48 7.21 19.71
N TRP C 31 22.00 7.81 20.82
CA TRP C 31 22.79 8.30 21.95
C TRP C 31 22.35 7.59 23.24
N LEU C 32 23.33 7.20 24.05
CA LEU C 32 23.12 6.81 25.43
C LEU C 32 23.89 7.84 26.26
N GLY C 33 23.15 8.71 26.94
CA GLY C 33 23.68 9.96 27.46
C GLY C 33 24.28 10.79 26.33
N ASP C 34 25.56 11.11 26.45
CA ASP C 34 26.27 11.89 25.43
C ASP C 34 27.22 10.99 24.60
N LEU C 35 27.11 9.66 24.69
CA LEU C 35 27.92 8.74 23.83
C LEU C 35 27.05 8.14 22.70
N GLN C 36 27.57 8.21 21.47
CA GLN C 36 26.88 7.66 20.29
C GLN C 36 27.04 6.13 20.28
N THR C 37 25.92 5.43 20.10
CA THR C 37 25.91 3.97 20.14
C THR C 37 25.61 3.38 18.76
N HIS C 38 24.83 4.10 17.95
CA HIS C 38 24.48 3.61 16.60
C HIS C 38 24.46 4.77 15.60
N ARG C 39 24.57 4.40 14.34
CA ARG C 39 24.40 5.25 13.21
C ARG C 39 23.63 4.44 12.17
N TRP C 40 22.66 5.08 11.51
CA TRP C 40 21.97 4.43 10.40
C TRP C 40 21.80 5.43 9.25
N SER C 41 22.75 5.37 8.32
CA SER C 41 22.78 6.24 7.17
C SER C 41 21.72 5.78 6.16
N ASN C 42 21.13 6.73 5.43
CA ASN C 42 20.22 6.42 4.33
C ASN C 42 20.84 5.41 3.36
N ASP C 43 22.16 5.49 3.16
CA ASP C 43 22.91 4.70 2.17
C ASP C 43 23.06 3.25 2.60
N SER C 44 22.81 2.94 3.89
CA SER C 44 23.12 1.62 4.45
C SER C 44 21.84 0.80 4.67
N ALA C 45 21.89 -0.49 4.29
CA ALA C 45 20.76 -1.41 4.49
C ALA C 45 20.57 -1.71 5.98
N THR C 46 21.67 -1.64 6.75
CA THR C 46 21.73 -2.14 8.10
C THR C 46 22.16 -1.02 9.06
N ILE C 47 21.78 -1.18 10.32
CA ILE C 47 22.16 -0.24 11.38
C ILE C 47 23.62 -0.52 11.76
N SER C 48 24.43 0.52 11.90
CA SER C 48 25.83 0.37 12.26
C SER C 48 26.03 0.62 13.77
N PHE C 49 26.80 -0.27 14.40
CA PHE C 49 27.31 -0.10 15.75
C PHE C 49 28.46 0.90 15.74
N THR C 50 28.48 1.82 16.72
CA THR C 50 29.58 2.78 16.85
C THR C 50 30.33 2.52 18.16
N LYS C 51 29.97 1.45 18.86
CA LYS C 51 30.69 0.95 20.02
C LYS C 51 30.76 -0.57 19.94
N PRO C 52 31.78 -1.20 20.56
CA PRO C 52 31.85 -2.67 20.61
C PRO C 52 30.63 -3.28 21.31
N TRP C 53 30.01 -2.51 22.21
CA TRP C 53 28.94 -3.00 23.09
C TRP C 53 27.54 -2.54 22.64
N SER C 54 27.44 -2.03 21.41
CA SER C 54 26.20 -1.44 20.87
C SER C 54 25.06 -2.47 20.73
N GLN C 55 25.36 -3.77 20.71
CA GLN C 55 24.33 -4.80 20.61
C GLN C 55 23.71 -5.06 22.01
N GLY C 56 24.30 -4.46 23.04
CA GLY C 56 23.85 -4.66 24.42
C GLY C 56 23.95 -6.12 24.80
N LYS C 57 22.90 -6.65 25.44
CA LYS C 57 22.83 -8.04 25.84
C LYS C 57 21.84 -8.80 24.94
N LEU C 58 21.50 -8.26 23.76
CA LEU C 58 20.65 -8.97 22.82
C LEU C 58 21.46 -10.08 22.13
N SER C 59 20.86 -11.27 22.03
CA SER C 59 21.34 -12.33 21.16
C SER C 59 21.35 -11.83 19.72
N ASN C 60 22.12 -12.53 18.87
CA ASN C 60 22.20 -12.22 17.46
C ASN C 60 20.81 -12.32 16.83
N GLN C 61 20.03 -13.33 17.21
CA GLN C 61 18.70 -13.55 16.65
C GLN C 61 17.76 -12.40 17.06
N GLN C 62 17.88 -11.94 18.31
CA GLN C 62 17.05 -10.85 18.80
C GLN C 62 17.40 -9.55 18.08
N TRP C 63 18.69 -9.30 17.87
CA TRP C 63 19.16 -8.09 17.20
C TRP C 63 18.69 -8.11 15.73
N GLU C 64 18.86 -9.26 15.05
CA GLU C 64 18.50 -9.43 13.64
C GLU C 64 17.01 -9.14 13.44
N LYS C 65 16.18 -9.65 14.37
CA LYS C 65 14.73 -9.47 14.38
C LYS C 65 14.35 -7.99 14.59
N LEU C 66 15.06 -7.33 15.51
CA LEU C 66 14.81 -5.92 15.83
C LEU C 66 15.21 -5.05 14.62
N GLN C 67 16.37 -5.34 14.04
CA GLN C 67 16.85 -4.61 12.90
C GLN C 67 15.87 -4.76 11.72
N HIS C 68 15.39 -5.99 11.49
CA HIS C 68 14.44 -6.26 10.38
C HIS C 68 13.17 -5.40 10.53
N MET C 69 12.63 -5.33 11.75
CA MET C 69 11.51 -4.44 12.07
C MET C 69 11.82 -2.99 11.66
N PHE C 70 13.01 -2.49 12.03
CA PHE C 70 13.41 -1.14 11.66
C PHE C 70 13.59 -1.00 10.15
N GLN C 71 14.14 -2.01 9.47
CA GLN C 71 14.30 -1.96 8.01
C GLN C 71 12.93 -1.80 7.32
N VAL C 72 11.94 -2.56 7.77
CA VAL C 72 10.57 -2.44 7.21
C VAL C 72 9.98 -1.06 7.55
N TYR C 73 10.25 -0.60 8.76
CA TYR C 73 9.75 0.68 9.21
C TYR C 73 10.27 1.81 8.31
N ARG C 74 11.57 1.83 8.02
CA ARG C 74 12.16 2.95 7.30
C ARG C 74 11.50 3.10 5.91
N VAL C 75 11.35 1.99 5.18
CA VAL C 75 10.68 1.97 3.86
C VAL C 75 9.21 2.39 4.01
N SER C 76 8.53 1.86 5.03
CA SER C 76 7.11 2.09 5.20
C SER C 76 6.85 3.56 5.57
N PHE C 77 7.68 4.08 6.48
CA PHE C 77 7.62 5.47 6.92
C PHE C 77 7.69 6.40 5.71
N THR C 78 8.66 6.13 4.81
CA THR C 78 8.94 6.97 3.67
C THR C 78 7.69 7.07 2.79
N ARG C 79 7.07 5.91 2.50
CA ARG C 79 5.89 5.87 1.64
C ARG C 79 4.70 6.54 2.32
N ASP C 80 4.51 6.31 3.62
CA ASP C 80 3.40 6.87 4.38
C ASP C 80 3.44 8.41 4.37
N ILE C 81 4.61 9.01 4.58
CA ILE C 81 4.73 10.47 4.54
C ILE C 81 4.32 10.96 3.15
N GLN C 82 4.85 10.33 2.10
CA GLN C 82 4.53 10.71 0.73
C GLN C 82 3.01 10.60 0.51
N GLU C 83 2.37 9.58 1.10
CA GLU C 83 0.93 9.40 0.89
C GLU C 83 0.15 10.43 1.72
N LEU C 84 0.61 10.74 2.92
CA LEU C 84 -0.04 11.75 3.77
C LEU C 84 0.06 13.15 3.12
N VAL C 85 1.14 13.42 2.39
CA VAL C 85 1.26 14.69 1.68
C VAL C 85 0.18 14.78 0.58
N LYS C 86 0.03 13.69 -0.20
CA LYS C 86 -1.01 13.59 -1.21
C LYS C 86 -2.40 13.78 -0.56
N MET C 87 -2.58 13.16 0.61
CA MET C 87 -3.86 13.19 1.30
C MET C 87 -4.23 14.60 1.77
N MET C 88 -3.26 15.40 2.22
CA MET C 88 -3.53 16.72 2.79
C MET C 88 -3.40 17.79 1.71
N SER C 89 -3.01 17.39 0.48
CA SER C 89 -2.76 18.30 -0.64
C SER C 89 -4.00 19.16 -0.92
N PRO C 90 -3.80 20.46 -1.23
CA PRO C 90 -2.51 21.12 -1.31
C PRO C 90 -2.15 21.93 -0.06
N LYS C 91 -2.71 21.54 1.10
CA LYS C 91 -2.44 22.18 2.39
C LYS C 91 -0.92 22.22 2.64
N GLU C 92 -0.24 21.08 2.52
CA GLU C 92 1.18 21.00 2.78
C GLU C 92 1.92 20.64 1.49
N ASP C 93 3.01 21.35 1.22
CA ASP C 93 3.85 21.13 0.06
C ASP C 93 5.27 20.80 0.54
N TYR C 94 6.01 20.11 -0.32
CA TYR C 94 7.46 19.89 -0.20
C TYR C 94 8.16 21.24 -0.36
N PRO C 95 9.41 21.39 0.14
CA PRO C 95 10.15 20.42 0.94
C PRO C 95 9.62 20.28 2.37
N ILE C 96 9.81 19.10 2.95
CA ILE C 96 9.31 18.76 4.29
C ILE C 96 10.44 18.07 5.06
N GLU C 97 10.62 18.50 6.32
CA GLU C 97 11.51 17.86 7.27
C GLU C 97 10.67 17.24 8.37
N ILE C 98 10.90 15.95 8.65
CA ILE C 98 10.31 15.25 9.78
C ILE C 98 11.45 14.74 10.67
N GLN C 99 11.35 15.02 11.98
CA GLN C 99 12.30 14.51 12.96
C GLN C 99 11.54 13.69 13.99
N LEU C 100 12.15 12.59 14.42
CA LEU C 100 11.63 11.78 15.50
C LEU C 100 12.71 11.68 16.57
N SER C 101 12.26 11.81 17.82
CA SER C 101 13.05 11.57 18.99
C SER C 101 12.34 10.53 19.85
N ALA C 102 12.91 9.33 19.96
CA ALA C 102 12.30 8.22 20.65
C ALA C 102 13.33 7.53 21.54
N GLY C 103 12.86 6.95 22.65
CA GLY C 103 13.72 6.24 23.56
C GLY C 103 13.12 6.18 24.94
N CYS C 104 13.99 6.08 25.96
CA CYS C 104 13.56 5.95 27.33
C CYS C 104 14.61 6.56 28.26
N GLU C 105 14.14 7.09 29.38
CA GLU C 105 14.99 7.54 30.47
C GLU C 105 14.96 6.46 31.55
N MET C 106 16.15 6.06 31.99
CA MET C 106 16.31 4.98 32.96
C MET C 106 16.54 5.59 34.34
N TYR C 107 15.77 5.12 35.32
CA TYR C 107 15.84 5.52 36.71
C TYR C 107 16.22 4.30 37.55
N PRO C 108 16.70 4.47 38.81
CA PRO C 108 17.01 3.34 39.68
C PRO C 108 15.73 2.55 40.02
N GLY C 109 15.91 1.26 40.33
CA GLY C 109 14.84 0.39 40.81
C GLY C 109 14.01 -0.21 39.69
N ASN C 110 14.64 -0.39 38.51
CA ASN C 110 14.00 -0.98 37.34
C ASN C 110 12.78 -0.15 36.90
N ALA C 111 12.84 1.17 37.15
CA ALA C 111 11.84 2.12 36.66
C ALA C 111 12.37 2.82 35.41
N SER C 112 11.47 3.17 34.50
CA SER C 112 11.80 3.94 33.29
C SER C 112 10.56 4.65 32.76
N GLU C 113 10.78 5.62 31.88
CA GLU C 113 9.72 6.30 31.13
C GLU C 113 10.15 6.35 29.67
N SER C 114 9.26 5.97 28.76
CA SER C 114 9.51 5.97 27.34
C SER C 114 8.82 7.16 26.69
N PHE C 115 9.31 7.56 25.51
CA PHE C 115 8.80 8.70 24.77
C PHE C 115 9.01 8.47 23.27
N LEU C 116 8.14 9.10 22.48
CA LEU C 116 8.24 9.12 21.05
C LEU C 116 7.62 10.43 20.57
N HIS C 117 8.48 11.39 20.26
CA HIS C 117 8.10 12.73 19.88
C HIS C 117 8.44 12.94 18.40
N VAL C 118 7.52 13.59 17.69
CA VAL C 118 7.63 13.85 16.26
C VAL C 118 7.56 15.36 16.00
N ALA C 119 8.51 15.88 15.21
CA ALA C 119 8.50 17.27 14.79
C ALA C 119 8.30 17.35 13.28
N PHE C 120 7.50 18.35 12.86
CA PHE C 120 7.19 18.63 11.48
C PHE C 120 7.70 20.04 11.15
N GLN C 121 8.59 20.16 10.17
CA GLN C 121 9.25 21.42 9.79
C GLN C 121 9.85 22.08 11.03
N GLY C 122 10.35 21.27 11.97
CA GLY C 122 11.12 21.79 13.09
C GLY C 122 10.28 22.07 14.34
N LYS C 123 8.98 21.74 14.32
CA LYS C 123 8.11 22.00 15.46
C LYS C 123 7.53 20.68 15.98
N TYR C 124 7.65 20.47 17.30
CA TYR C 124 7.08 19.31 17.98
C TYR C 124 5.55 19.37 17.85
N VAL C 125 4.95 18.39 17.13
CA VAL C 125 3.49 18.44 16.86
C VAL C 125 2.77 17.16 17.31
N VAL C 126 3.49 16.04 17.43
CA VAL C 126 2.87 14.73 17.59
C VAL C 126 3.70 13.88 18.53
N ARG C 127 3.02 13.08 19.37
CA ARG C 127 3.67 12.05 20.15
C ARG C 127 2.83 10.79 20.12
N PHE C 128 3.48 9.67 20.47
CA PHE C 128 2.80 8.46 20.84
C PHE C 128 2.66 8.46 22.37
N TRP C 129 1.45 8.17 22.83
CA TRP C 129 1.12 8.20 24.24
C TRP C 129 0.08 7.12 24.55
N GLY C 130 0.42 6.22 25.46
CA GLY C 130 -0.49 5.16 25.84
C GLY C 130 -0.60 4.12 24.75
N THR C 131 -1.68 4.19 23.96
CA THR C 131 -1.95 3.23 22.90
C THR C 131 -2.20 3.95 21.57
N SER C 132 -1.93 5.26 21.47
CA SER C 132 -2.25 5.95 20.23
C SER C 132 -1.37 7.19 20.00
N TRP C 133 -1.42 7.65 18.75
CA TRP C 133 -0.83 8.89 18.34
C TRP C 133 -1.77 10.02 18.77
N GLN C 134 -1.18 11.14 19.22
CA GLN C 134 -1.97 12.34 19.51
C GLN C 134 -1.16 13.58 19.12
N THR C 135 -1.87 14.66 18.80
CA THR C 135 -1.23 15.95 18.63
C THR C 135 -1.00 16.56 20.02
N VAL C 136 -0.04 17.47 20.09
CA VAL C 136 0.29 18.14 21.36
C VAL C 136 -0.20 19.58 21.29
N PRO C 137 -0.27 20.31 22.42
CA PRO C 137 -0.72 21.70 22.42
C PRO C 137 0.06 22.54 21.40
N GLY C 138 -0.68 23.33 20.62
CA GLY C 138 -0.09 24.23 19.67
C GLY C 138 -0.06 23.67 18.26
N ALA C 139 -0.38 22.40 18.08
CA ALA C 139 -0.26 21.75 16.77
C ALA C 139 -1.39 22.22 15.87
N PRO C 140 -1.18 22.36 14.55
CA PRO C 140 -2.27 22.73 13.66
C PRO C 140 -3.33 21.63 13.48
N SER C 141 -4.57 22.06 13.23
CA SER C 141 -5.75 21.20 13.19
C SER C 141 -5.71 20.20 12.03
N TRP C 142 -5.01 20.52 10.93
CA TRP C 142 -5.01 19.65 9.75
C TRP C 142 -4.41 18.28 10.10
N LEU C 143 -3.57 18.23 11.14
CA LEU C 143 -2.92 17.00 11.58
C LEU C 143 -3.93 15.98 12.14
N ASP C 144 -5.15 16.42 12.47
CA ASP C 144 -6.23 15.53 12.93
C ASP C 144 -6.50 14.40 11.91
N LEU C 145 -6.37 14.67 10.61
CA LEU C 145 -6.65 13.62 9.59
C LEU C 145 -5.49 12.61 9.58
N PRO C 146 -4.21 13.00 9.40
CA PRO C 146 -3.09 12.06 9.59
C PRO C 146 -3.18 11.23 10.88
N ILE C 147 -3.53 11.86 12.01
CA ILE C 147 -3.65 11.15 13.30
C ILE C 147 -4.75 10.09 13.20
N LYS C 148 -5.87 10.44 12.58
CA LYS C 148 -6.98 9.51 12.41
C LYS C 148 -6.51 8.29 11.60
N VAL C 149 -5.75 8.54 10.53
CA VAL C 149 -5.26 7.50 9.64
C VAL C 149 -4.23 6.63 10.37
N LEU C 150 -3.28 7.26 11.05
CA LEU C 150 -2.25 6.54 11.80
C LEU C 150 -2.91 5.69 12.90
N ASN C 151 -3.95 6.22 13.56
CA ASN C 151 -4.59 5.49 14.68
C ASN C 151 -5.50 4.36 14.16
N ALA C 152 -5.79 4.34 12.85
CA ALA C 152 -6.54 3.20 12.29
C ALA C 152 -5.66 1.94 12.23
N ASP C 153 -4.33 2.11 12.22
CA ASP C 153 -3.36 1.00 12.03
C ASP C 153 -3.07 0.33 13.38
N GLN C 154 -3.89 -0.66 13.74
CA GLN C 154 -3.80 -1.34 15.05
C GLN C 154 -2.45 -2.05 15.19
N GLY C 155 -1.95 -2.60 14.08
CA GLY C 155 -0.68 -3.33 14.03
C GLY C 155 0.50 -2.43 14.39
N THR C 156 0.54 -1.23 13.84
CA THR C 156 1.59 -0.27 14.22
C THR C 156 1.45 0.11 15.69
N SER C 157 0.22 0.38 16.16
CA SER C 157 0.02 0.75 17.58
C SER C 157 0.55 -0.37 18.50
N ALA C 158 0.22 -1.63 18.20
CA ALA C 158 0.65 -2.75 19.06
C ALA C 158 2.18 -2.88 19.05
N THR C 159 2.80 -2.68 17.89
CA THR C 159 4.25 -2.81 17.75
C THR C 159 4.93 -1.69 18.53
N VAL C 160 4.43 -0.46 18.39
CA VAL C 160 5.05 0.67 19.04
C VAL C 160 4.90 0.53 20.57
N GLN C 161 3.72 0.07 21.03
CA GLN C 161 3.51 -0.12 22.45
C GLN C 161 4.60 -1.05 23.02
N MET C 162 4.88 -2.14 22.31
CA MET C 162 5.86 -3.15 22.74
C MET C 162 7.27 -2.57 22.71
N LEU C 163 7.56 -1.77 21.69
CA LEU C 163 8.84 -1.13 21.48
C LEU C 163 9.15 -0.18 22.64
N LEU C 164 8.19 0.70 22.99
CA LEU C 164 8.39 1.70 24.04
C LEU C 164 8.31 1.05 25.43
N ASN C 165 7.31 0.19 25.65
CA ASN C 165 7.02 -0.30 27.00
C ASN C 165 8.05 -1.36 27.42
N ASP C 166 8.44 -2.24 26.50
CA ASP C 166 9.21 -3.46 26.83
C ASP C 166 10.63 -3.39 26.21
N THR C 167 10.72 -3.32 24.89
CA THR C 167 11.99 -3.44 24.19
C THR C 167 12.97 -2.36 24.64
N CYS C 168 12.54 -1.09 24.66
CA CYS C 168 13.47 0.02 24.95
C CYS C 168 14.13 -0.20 26.30
N PRO C 169 13.40 -0.29 27.43
CA PRO C 169 14.05 -0.45 28.74
C PRO C 169 14.88 -1.73 28.85
N LEU C 170 14.41 -2.85 28.29
CA LEU C 170 15.17 -4.10 28.34
C LEU C 170 16.50 -3.92 27.59
N PHE C 171 16.43 -3.36 26.38
CA PHE C 171 17.63 -3.17 25.57
C PHE C 171 18.62 -2.25 26.28
N VAL C 172 18.11 -1.15 26.85
CA VAL C 172 18.96 -0.12 27.43
C VAL C 172 19.62 -0.63 28.72
N ARG C 173 18.90 -1.42 29.53
CA ARG C 173 19.47 -1.99 30.75
C ARG C 173 20.70 -2.82 30.37
N GLY C 174 20.58 -3.60 29.29
CA GLY C 174 21.68 -4.36 28.72
C GLY C 174 22.83 -3.47 28.24
N LEU C 175 22.51 -2.36 27.57
CA LEU C 175 23.54 -1.43 27.09
C LEU C 175 24.35 -0.90 28.29
N LEU C 176 23.65 -0.54 29.38
CA LEU C 176 24.30 0.06 30.56
C LEU C 176 25.27 -0.95 31.18
N GLU C 177 24.94 -2.24 31.13
CA GLU C 177 25.83 -3.28 31.65
C GLU C 177 27.01 -3.47 30.70
N ALA C 178 26.73 -3.64 29.40
CA ALA C 178 27.77 -3.93 28.43
C ALA C 178 28.73 -2.74 28.27
N GLY C 179 28.20 -1.51 28.36
CA GLY C 179 28.97 -0.31 28.03
C GLY C 179 29.56 0.37 29.27
N LYS C 180 29.49 -0.30 30.42
CA LYS C 180 29.76 0.28 31.74
C LYS C 180 31.11 1.01 31.77
N SER C 181 32.15 0.38 31.22
CA SER C 181 33.51 0.93 31.35
C SER C 181 33.71 2.16 30.44
N ASP C 182 33.01 2.25 29.30
CA ASP C 182 33.02 3.50 28.51
C ASP C 182 32.18 4.57 29.21
N LEU C 183 31.02 4.16 29.75
CA LEU C 183 30.06 5.09 30.34
C LEU C 183 30.70 5.76 31.56
N GLU C 184 31.54 5.02 32.30
CA GLU C 184 32.13 5.47 33.55
C GLU C 184 33.56 5.97 33.35
N LYS C 185 34.00 6.14 32.10
CA LYS C 185 35.35 6.62 31.81
C LYS C 185 35.57 8.00 32.43
N GLN C 186 36.80 8.23 32.87
CA GLN C 186 37.28 9.53 33.37
C GLN C 186 38.45 9.98 32.49
N GLU C 187 38.32 11.15 31.86
CA GLU C 187 39.39 11.75 31.04
C GLU C 187 39.72 13.13 31.62
N LYS C 188 41.01 13.43 31.76
CA LYS C 188 41.47 14.62 32.47
C LYS C 188 41.40 15.85 31.55
N PRO C 189 40.94 17.01 32.06
CA PRO C 189 41.07 18.26 31.32
C PRO C 189 42.53 18.70 31.24
N VAL C 190 42.87 19.43 30.18
CA VAL C 190 44.11 20.17 30.06
C VAL C 190 43.69 21.62 29.80
N ALA C 191 44.35 22.58 30.46
CA ALA C 191 43.96 23.97 30.32
C ALA C 191 45.11 24.79 29.75
N TRP C 192 44.76 25.95 29.19
CA TRP C 192 45.73 26.95 28.78
C TRP C 192 45.05 28.32 28.72
N LEU C 193 45.86 29.38 28.87
CA LEU C 193 45.36 30.76 28.96
C LEU C 193 45.71 31.52 27.68
N SER C 194 44.97 32.59 27.43
CA SER C 194 45.17 33.51 26.31
C SER C 194 44.33 34.77 26.54
N SER C 195 44.40 35.74 25.63
CA SER C 195 43.73 37.03 25.80
C SER C 195 43.53 37.74 24.46
N VAL C 196 42.56 38.65 24.44
CA VAL C 196 42.16 39.44 23.27
C VAL C 196 41.62 40.79 23.75
N PRO C 197 41.43 41.79 22.86
CA PRO C 197 40.69 43.01 23.22
C PRO C 197 39.18 42.76 23.17
N SER C 198 38.38 43.67 23.76
CA SER C 198 36.92 43.51 23.80
C SER C 198 36.23 44.87 24.01
N SER C 199 36.06 45.61 22.89
CA SER C 199 35.22 46.82 22.82
C SER C 199 35.62 47.84 23.88
N ALA C 200 36.88 48.29 23.85
CA ALA C 200 37.43 49.21 24.84
C ALA C 200 38.74 49.82 24.34
N HIS C 203 40.19 47.72 27.73
CA HIS C 203 39.87 46.47 28.42
C HIS C 203 40.40 45.27 27.64
N ARG C 204 40.80 44.23 28.38
CA ARG C 204 41.22 42.93 27.85
C ARG C 204 40.17 41.88 28.20
N GLN C 205 40.23 40.74 27.51
CA GLN C 205 39.41 39.57 27.81
C GLN C 205 40.34 38.35 27.92
N LEU C 206 40.51 37.86 29.16
CA LEU C 206 41.30 36.66 29.43
C LEU C 206 40.43 35.44 29.15
N VAL C 207 41.04 34.37 28.64
CA VAL C 207 40.35 33.15 28.28
C VAL C 207 41.09 31.97 28.92
N CYS C 208 40.33 31.19 29.68
CA CYS C 208 40.80 29.92 30.18
C CYS C 208 40.19 28.78 29.35
N HIS C 209 41.04 28.08 28.58
CA HIS C 209 40.63 26.97 27.72
C HIS C 209 40.81 25.66 28.48
N VAL C 210 39.76 24.83 28.48
CA VAL C 210 39.79 23.53 29.16
C VAL C 210 39.28 22.49 28.16
N SER C 211 40.10 21.47 27.88
CA SER C 211 39.81 20.55 26.80
C SER C 211 40.27 19.14 27.16
N GLY C 212 39.49 18.14 26.70
CA GLY C 212 39.81 16.75 26.85
C GLY C 212 39.16 16.07 28.05
N PHE C 213 38.20 16.73 28.70
CA PHE C 213 37.60 16.17 29.93
C PHE C 213 36.35 15.33 29.61
N TYR C 214 36.17 14.27 30.40
CA TYR C 214 34.96 13.46 30.44
C TYR C 214 34.83 12.84 31.84
N PRO C 215 33.63 12.84 32.42
CA PRO C 215 32.37 13.30 31.87
C PRO C 215 32.21 14.83 31.96
N LYS C 216 31.03 15.32 31.58
CA LYS C 216 30.74 16.72 31.31
C LYS C 216 30.90 17.59 32.55
N PRO C 217 30.37 17.23 33.76
CA PRO C 217 30.43 18.13 34.90
C PRO C 217 31.86 18.61 35.18
N VAL C 218 32.04 19.93 35.22
CA VAL C 218 33.33 20.57 35.42
C VAL C 218 33.09 21.92 36.11
N TRP C 219 34.10 22.38 36.87
CA TRP C 219 34.10 23.69 37.51
C TRP C 219 35.33 24.48 37.06
N VAL C 220 35.11 25.70 36.55
CA VAL C 220 36.20 26.56 36.06
C VAL C 220 35.94 28.00 36.52
N MET C 221 36.88 28.55 37.29
CA MET C 221 36.78 29.93 37.80
C MET C 221 38.11 30.67 37.63
N TRP C 222 38.01 31.91 37.17
CA TRP C 222 39.08 32.88 37.31
C TRP C 222 39.11 33.33 38.78
N MET C 223 40.32 33.56 39.29
CA MET C 223 40.56 33.82 40.69
C MET C 223 41.77 34.75 40.87
N ARG C 224 41.66 35.68 41.83
CA ARG C 224 42.82 36.37 42.41
C ARG C 224 43.01 35.82 43.82
N GLY C 225 44.02 34.96 43.99
CA GLY C 225 44.25 34.23 45.23
C GLY C 225 43.11 33.28 45.52
N ASP C 226 42.30 33.62 46.52
CA ASP C 226 41.16 32.82 46.98
C ASP C 226 39.85 33.54 46.66
N GLN C 227 39.92 34.62 45.89
CA GLN C 227 38.77 35.44 45.56
C GLN C 227 38.27 35.01 44.17
N GLU C 228 37.14 34.29 44.15
CA GLU C 228 36.48 33.87 42.93
C GLU C 228 35.96 35.12 42.20
N GLN C 229 36.51 35.38 41.00
CA GLN C 229 36.10 36.52 40.20
C GLN C 229 34.70 36.26 39.64
N GLN C 230 33.73 37.06 40.09
CA GLN C 230 32.30 36.88 39.81
C GLN C 230 31.98 37.25 38.35
N GLY C 231 32.89 37.94 37.67
CA GLY C 231 32.72 38.31 36.25
C GLY C 231 33.01 37.16 35.29
N THR C 232 33.55 36.05 35.80
CA THR C 232 33.80 34.82 35.02
C THR C 232 32.54 34.42 34.25
N HIS C 233 32.68 34.24 32.93
CA HIS C 233 31.61 33.79 32.07
C HIS C 233 32.02 32.47 31.44
N ARG C 234 31.32 31.38 31.79
CA ARG C 234 31.46 30.07 31.16
C ARG C 234 30.80 30.11 29.77
N GLY C 235 31.51 29.60 28.76
CA GLY C 235 30.92 29.36 27.46
C GLY C 235 30.08 28.09 27.46
N ASP C 236 29.65 27.68 26.26
CA ASP C 236 28.96 26.42 26.06
C ASP C 236 29.98 25.28 26.09
N PHE C 237 29.51 24.08 26.43
CA PHE C 237 30.23 22.85 26.24
C PHE C 237 30.27 22.52 24.75
N LEU C 238 31.49 22.42 24.20
CA LEU C 238 31.72 22.08 22.81
C LEU C 238 32.36 20.71 22.76
N PRO C 239 31.94 19.83 21.83
CA PRO C 239 32.52 18.50 21.71
C PRO C 239 33.87 18.49 20.99
N ASN C 240 34.76 17.62 21.44
CA ASN C 240 35.91 17.16 20.70
C ASN C 240 35.51 15.91 19.93
N ALA C 241 36.30 15.55 18.91
CA ALA C 241 36.00 14.43 18.02
C ALA C 241 36.21 13.07 18.71
N ASP C 242 36.90 13.05 19.86
CA ASP C 242 37.27 11.82 20.56
C ASP C 242 36.40 11.60 21.81
N GLU C 243 35.18 12.13 21.81
CA GLU C 243 34.19 11.92 22.88
C GLU C 243 34.74 12.44 24.22
N THR C 244 35.37 13.61 24.15
CA THR C 244 35.65 14.43 25.30
C THR C 244 35.06 15.81 25.02
N TRP C 245 35.15 16.69 26.02
CA TRP C 245 34.50 17.98 26.00
C TRP C 245 35.53 19.12 26.04
N TYR C 246 35.09 20.27 25.55
CA TYR C 246 35.83 21.50 25.51
C TYR C 246 34.94 22.60 26.09
N LEU C 247 35.53 23.45 26.93
CA LEU C 247 34.83 24.58 27.56
C LEU C 247 35.84 25.71 27.77
N GLN C 248 35.41 26.96 27.53
CA GLN C 248 36.26 28.11 27.87
C GLN C 248 35.49 29.05 28.81
N ALA C 249 36.24 29.68 29.72
CA ALA C 249 35.72 30.64 30.68
C ALA C 249 36.49 31.96 30.52
N THR C 250 35.75 33.04 30.22
CA THR C 250 36.34 34.35 29.93
C THR C 250 36.21 35.26 31.17
N LEU C 251 37.07 36.28 31.23
CA LEU C 251 37.02 37.34 32.25
C LEU C 251 37.45 38.66 31.61
N ASP C 252 36.58 39.66 31.68
CA ASP C 252 36.88 41.02 31.22
C ASP C 252 37.67 41.73 32.33
N VAL C 253 38.82 42.30 31.98
CA VAL C 253 39.70 43.00 32.94
C VAL C 253 40.30 44.24 32.27
N GLU C 254 40.97 45.06 33.08
CA GLU C 254 41.71 46.23 32.61
C GLU C 254 43.12 45.81 32.20
N ALA C 255 43.58 46.38 31.08
CA ALA C 255 44.98 46.24 30.67
C ALA C 255 45.88 46.54 31.88
N GLY C 256 46.84 45.64 32.14
CA GLY C 256 47.77 45.76 33.26
C GLY C 256 47.22 45.24 34.58
N GLU C 257 46.00 44.69 34.55
CA GLU C 257 45.34 44.13 35.75
C GLU C 257 45.45 42.61 35.76
N GLU C 258 46.13 42.05 34.74
CA GLU C 258 46.21 40.61 34.50
C GLU C 258 47.03 39.91 35.59
N ALA C 259 48.05 40.60 36.11
CA ALA C 259 48.90 40.07 37.17
C ALA C 259 48.04 39.74 38.40
N GLY C 260 48.30 38.57 39.01
CA GLY C 260 47.54 38.10 40.18
C GLY C 260 46.48 37.07 39.81
N LEU C 261 45.95 37.14 38.58
CA LEU C 261 44.84 36.30 38.14
C LEU C 261 45.32 34.87 37.86
N ALA C 262 44.51 33.89 38.26
CA ALA C 262 44.72 32.49 37.94
C ALA C 262 43.38 31.87 37.49
N CYS C 263 43.48 30.76 36.75
CA CYS C 263 42.31 29.96 36.38
C CYS C 263 42.39 28.61 37.10
N ARG C 264 41.33 28.30 37.85
CA ARG C 264 41.23 27.05 38.60
C ARG C 264 40.19 26.13 37.94
N VAL C 265 40.52 24.85 37.85
CA VAL C 265 39.68 23.86 37.20
C VAL C 265 39.54 22.66 38.13
N LYS C 266 38.28 22.34 38.47
CA LYS C 266 37.94 21.13 39.21
C LYS C 266 37.22 20.15 38.29
N HIS C 267 37.64 18.90 38.33
CA HIS C 267 37.02 17.83 37.57
C HIS C 267 37.25 16.51 38.31
N SER C 268 36.25 15.63 38.24
CA SER C 268 36.23 14.32 38.89
C SER C 268 37.46 13.49 38.54
N SER C 269 38.05 13.71 37.35
CA SER C 269 39.17 12.90 36.83
C SER C 269 40.49 13.23 37.52
N LEU C 270 40.57 14.40 38.17
CA LEU C 270 41.83 14.92 38.73
C LEU C 270 42.04 14.44 40.16
N GLY C 271 41.00 13.84 40.77
CA GLY C 271 41.07 13.25 42.10
C GLY C 271 41.56 14.25 43.14
N GLY C 272 40.96 15.45 43.15
CA GLY C 272 41.25 16.47 44.16
C GLY C 272 42.42 17.39 43.81
N GLN C 273 43.24 16.99 42.82
CA GLN C 273 44.40 17.80 42.39
C GLN C 273 43.95 18.78 41.30
N ASP C 274 43.44 19.94 41.73
CA ASP C 274 42.91 20.97 40.84
C ASP C 274 44.02 21.47 39.91
N ILE C 275 43.61 21.98 38.75
CA ILE C 275 44.51 22.68 37.85
C ILE C 275 44.43 24.17 38.22
N ILE C 276 45.61 24.76 38.44
CA ILE C 276 45.75 26.16 38.74
C ILE C 276 46.77 26.73 37.74
N LEU C 277 46.31 27.67 36.90
CA LEU C 277 47.18 28.33 35.94
C LEU C 277 47.20 29.81 36.26
N TYR C 278 48.39 30.32 36.61
CA TYR C 278 48.61 31.74 36.86
C TYR C 278 48.94 32.43 35.53
N TRP C 279 48.28 33.56 35.25
CA TRP C 279 48.57 34.37 34.07
C TRP C 279 50.01 34.87 34.12
N GLN D 2 13.72 29.43 9.15
CA GLN D 2 15.12 29.06 8.76
C GLN D 2 16.10 29.77 9.71
N LYS D 3 16.65 29.01 10.66
CA LYS D 3 17.60 29.52 11.66
C LYS D 3 19.02 29.53 11.06
N THR D 4 19.81 30.51 11.51
CA THR D 4 21.12 30.88 10.91
C THR D 4 22.25 30.23 11.69
N PRO D 5 23.23 29.56 11.02
CA PRO D 5 24.19 28.70 11.72
C PRO D 5 25.24 29.44 12.58
N GLN D 6 25.42 28.98 13.82
CA GLN D 6 26.55 29.40 14.66
C GLN D 6 27.76 28.51 14.34
N ILE D 7 28.95 29.14 14.29
CA ILE D 7 30.18 28.48 13.92
C ILE D 7 31.24 28.79 15.01
N GLN D 8 31.79 27.74 15.61
CA GLN D 8 32.80 27.85 16.66
C GLN D 8 34.03 27.01 16.26
N VAL D 9 35.20 27.64 16.28
CA VAL D 9 36.45 27.04 15.83
C VAL D 9 37.44 27.01 17.00
N TYR D 10 37.99 25.83 17.30
CA TYR D 10 38.81 25.63 18.49
C TYR D 10 39.71 24.41 18.29
N SER D 11 40.90 24.44 18.91
CA SER D 11 41.85 23.34 18.85
C SER D 11 41.56 22.33 19.97
N ARG D 12 41.85 21.06 19.70
CA ARG D 12 41.73 19.96 20.64
C ARG D 12 42.75 20.11 21.79
N HIS D 13 43.99 20.48 21.43
CA HIS D 13 45.12 20.56 22.35
C HIS D 13 45.60 22.01 22.42
N PRO D 14 46.37 22.38 23.47
CA PRO D 14 46.99 23.72 23.51
C PRO D 14 47.81 23.95 22.24
N PRO D 15 47.59 25.07 21.52
CA PRO D 15 48.28 25.28 20.25
C PRO D 15 49.76 25.66 20.46
N GLU D 16 50.64 24.99 19.73
CA GLU D 16 52.06 25.33 19.71
C GLU D 16 52.57 25.29 18.26
N ASN D 17 53.13 26.42 17.81
CA ASN D 17 53.66 26.55 16.46
C ASN D 17 54.58 25.35 16.17
N GLY D 18 54.32 24.67 15.05
CA GLY D 18 55.13 23.55 14.59
C GLY D 18 54.67 22.19 15.11
N LYS D 19 53.78 22.16 16.12
CA LYS D 19 53.34 20.88 16.72
C LYS D 19 52.00 20.45 16.13
N PRO D 20 51.89 19.20 15.62
CA PRO D 20 50.62 18.66 15.12
C PRO D 20 49.51 18.73 16.19
N ASN D 21 48.28 18.98 15.75
CA ASN D 21 47.13 19.25 16.61
C ASN D 21 45.87 18.88 15.82
N ILE D 22 44.70 19.07 16.42
CA ILE D 22 43.43 18.86 15.71
C ILE D 22 42.61 20.15 15.82
N LEU D 23 42.06 20.57 14.68
CA LEU D 23 41.22 21.75 14.63
C LEU D 23 39.77 21.30 14.46
N ASN D 24 38.88 21.86 15.29
CA ASN D 24 37.48 21.53 15.31
C ASN D 24 36.69 22.71 14.78
N CYS D 25 35.65 22.41 14.00
CA CYS D 25 34.66 23.38 13.61
C CYS D 25 33.26 22.84 13.94
N TYR D 26 32.60 23.51 14.90
CA TYR D 26 31.33 23.09 15.44
C TYR D 26 30.23 24.03 14.93
N VAL D 27 29.33 23.49 14.11
CA VAL D 27 28.26 24.23 13.47
C VAL D 27 26.93 23.80 14.11
N THR D 28 26.19 24.77 14.64
CA THR D 28 25.01 24.52 15.45
C THR D 28 23.87 25.47 15.06
N GLN D 29 22.69 25.15 15.59
CA GLN D 29 21.50 25.99 15.62
C GLN D 29 21.00 26.31 14.20
N PHE D 30 21.15 25.36 13.26
CA PHE D 30 20.69 25.59 11.89
C PHE D 30 19.54 24.65 11.54
N HIS D 31 18.73 25.10 10.57
CA HIS D 31 17.72 24.29 9.90
C HIS D 31 17.26 25.06 8.66
N PRO D 32 16.94 24.36 7.56
CA PRO D 32 16.95 22.91 7.42
C PRO D 32 18.36 22.30 7.48
N PRO D 33 18.48 20.96 7.54
CA PRO D 33 19.77 20.32 7.80
C PRO D 33 20.77 20.35 6.62
N HIS D 34 20.31 20.67 5.41
CA HIS D 34 21.21 20.72 4.25
C HIS D 34 22.23 21.85 4.48
N ILE D 35 23.52 21.51 4.45
CA ILE D 35 24.57 22.46 4.77
C ILE D 35 25.87 22.00 4.12
N GLU D 36 26.72 22.97 3.77
CA GLU D 36 28.05 22.71 3.27
C GLU D 36 29.06 23.38 4.21
N ILE D 37 30.01 22.57 4.69
CA ILE D 37 31.03 22.97 5.63
C ILE D 37 32.40 22.66 5.00
N GLN D 38 33.26 23.69 4.98
CA GLN D 38 34.61 23.55 4.49
C GLN D 38 35.54 24.06 5.59
N MET D 39 36.69 23.41 5.74
CA MET D 39 37.75 23.93 6.58
C MET D 39 38.90 24.36 5.65
N LEU D 40 39.43 25.56 5.90
CA LEU D 40 40.34 26.24 4.99
C LEU D 40 41.69 26.45 5.67
N LYS D 41 42.76 26.24 4.90
CA LYS D 41 44.10 26.67 5.22
C LYS D 41 44.51 27.77 4.23
N ASN D 42 44.75 28.99 4.73
CA ASN D 42 45.11 30.13 3.89
C ASN D 42 44.10 30.27 2.73
N GLY D 43 42.82 30.14 3.07
CA GLY D 43 41.71 30.33 2.14
C GLY D 43 41.54 29.19 1.17
N LYS D 44 42.32 28.12 1.33
CA LYS D 44 42.24 26.94 0.48
C LYS D 44 41.65 25.76 1.26
N LYS D 45 40.75 25.04 0.59
CA LYS D 45 40.01 23.89 1.09
C LYS D 45 41.01 22.80 1.50
N ILE D 46 40.98 22.42 2.78
CA ILE D 46 41.77 21.30 3.30
C ILE D 46 41.08 20.02 2.84
N PRO D 47 41.83 19.00 2.35
CA PRO D 47 41.23 17.73 1.95
C PRO D 47 41.16 16.76 3.13
N LYS D 48 40.25 15.79 3.06
CA LYS D 48 40.16 14.68 4.03
C LYS D 48 39.69 15.17 5.41
N VAL D 49 38.88 16.24 5.44
CA VAL D 49 38.25 16.72 6.67
C VAL D 49 37.22 15.66 7.11
N GLU D 50 37.21 15.31 8.40
CA GLU D 50 36.25 14.33 8.93
C GLU D 50 35.03 15.07 9.50
N MET D 51 33.83 14.53 9.20
CA MET D 51 32.54 15.03 9.69
C MET D 51 31.97 13.99 10.67
N SER D 52 31.40 14.46 11.79
CA SER D 52 30.58 13.61 12.63
C SER D 52 29.26 13.38 11.89
N ASP D 53 28.46 12.43 12.38
CA ASP D 53 27.11 12.26 11.86
C ASP D 53 26.27 13.47 12.31
N MET D 54 25.40 13.97 11.43
CA MET D 54 24.54 15.05 11.84
C MET D 54 23.56 14.55 12.92
N SER D 55 23.30 15.41 13.90
CA SER D 55 22.37 15.13 14.97
C SER D 55 21.50 16.37 15.23
N PHE D 56 20.63 16.32 16.25
CA PHE D 56 19.90 17.52 16.63
C PHE D 56 19.68 17.55 18.14
N SER D 57 19.42 18.78 18.62
CA SER D 57 19.29 19.10 20.05
C SER D 57 17.83 18.98 20.50
N LYS D 58 17.64 19.18 21.81
CA LYS D 58 16.34 19.27 22.48
C LYS D 58 15.38 20.13 21.66
N ASP D 59 15.87 21.27 21.19
CA ASP D 59 15.05 22.27 20.47
C ASP D 59 14.91 21.93 18.98
N TRP D 60 15.36 20.75 18.53
CA TRP D 60 15.17 20.22 17.16
C TRP D 60 16.09 20.89 16.13
N SER D 61 16.98 21.80 16.55
CA SER D 61 17.94 22.42 15.64
C SER D 61 19.14 21.48 15.46
N PHE D 62 19.78 21.56 14.28
CA PHE D 62 20.79 20.61 13.90
C PHE D 62 22.18 21.07 14.35
N TYR D 63 23.11 20.10 14.42
CA TYR D 63 24.49 20.36 14.71
C TYR D 63 25.36 19.24 14.15
N ILE D 64 26.62 19.58 13.90
CA ILE D 64 27.59 18.68 13.32
C ILE D 64 28.98 19.22 13.63
N LEU D 65 29.95 18.30 13.79
CA LEU D 65 31.32 18.61 14.11
C LEU D 65 32.24 18.18 12.96
N ALA D 66 32.97 19.14 12.39
CA ALA D 66 34.04 18.87 11.44
C ALA D 66 35.36 18.94 12.20
N HIS D 67 36.33 18.11 11.83
CA HIS D 67 37.67 18.27 12.37
C HIS D 67 38.71 17.76 11.38
N THR D 68 39.95 18.21 11.59
CA THR D 68 41.08 17.96 10.72
C THR D 68 42.38 18.12 11.51
N GLU D 69 43.39 17.32 11.14
CA GLU D 69 44.75 17.53 11.63
C GLU D 69 45.25 18.88 11.10
N PHE D 70 46.03 19.59 11.91
CA PHE D 70 46.66 20.81 11.48
C PHE D 70 47.89 21.05 12.36
N THR D 71 48.85 21.77 11.77
CA THR D 71 50.03 22.23 12.49
C THR D 71 50.03 23.74 12.46
N PRO D 72 49.70 24.41 13.58
CA PRO D 72 49.71 25.87 13.62
C PRO D 72 51.13 26.41 13.38
N THR D 73 51.19 27.59 12.75
CA THR D 73 52.42 28.32 12.49
C THR D 73 52.14 29.79 12.74
N GLU D 74 53.21 30.60 12.72
CA GLU D 74 53.10 32.04 12.88
C GLU D 74 52.30 32.62 11.70
N THR D 75 52.48 32.05 10.51
CA THR D 75 52.05 32.68 9.26
C THR D 75 50.65 32.20 8.83
N ASP D 76 50.39 30.90 8.93
CA ASP D 76 49.21 30.24 8.29
C ASP D 76 47.90 30.59 9.00
N THR D 77 46.86 30.88 8.21
CA THR D 77 45.50 31.15 8.70
C THR D 77 44.63 29.91 8.48
N TYR D 78 43.71 29.68 9.44
CA TYR D 78 42.80 28.55 9.42
C TYR D 78 41.38 29.08 9.67
N ALA D 79 40.41 28.53 8.92
CA ALA D 79 39.03 29.00 8.99
C ALA D 79 38.06 27.88 8.66
N CYS D 80 36.80 28.12 9.02
CA CYS D 80 35.72 27.24 8.70
C CYS D 80 34.67 28.05 7.97
N ARG D 81 34.31 27.58 6.77
CA ARG D 81 33.39 28.29 5.89
C ARG D 81 32.14 27.44 5.68
N VAL D 82 30.98 28.07 5.82
CA VAL D 82 29.69 27.39 5.85
C VAL D 82 28.76 28.06 4.83
N LYS D 83 28.17 27.26 3.94
CA LYS D 83 27.08 27.72 3.06
C LYS D 83 25.79 27.06 3.53
N HIS D 84 24.75 27.89 3.71
CA HIS D 84 23.45 27.45 4.16
C HIS D 84 22.38 28.41 3.61
N ALA D 85 21.23 27.84 3.19
CA ALA D 85 20.17 28.58 2.49
C ALA D 85 19.75 29.82 3.28
N SER D 86 19.88 29.76 4.61
CA SER D 86 19.54 30.88 5.52
C SER D 86 20.44 32.10 5.31
N MET D 87 21.52 31.97 4.54
CA MET D 87 22.48 33.06 4.35
C MET D 87 22.65 33.35 2.85
N ALA D 88 22.60 34.64 2.50
CA ALA D 88 22.84 35.13 1.15
C ALA D 88 24.25 34.73 0.70
N GLU D 89 25.23 34.90 1.59
CA GLU D 89 26.64 34.64 1.31
C GLU D 89 27.18 33.57 2.26
N PRO D 90 28.24 32.82 1.87
CA PRO D 90 28.92 31.94 2.80
C PRO D 90 29.48 32.74 4.00
N LYS D 91 29.43 32.14 5.18
CA LYS D 91 30.00 32.72 6.39
C LYS D 91 31.33 32.02 6.65
N THR D 92 32.37 32.81 6.93
CA THR D 92 33.70 32.32 7.26
C THR D 92 34.05 32.79 8.68
N VAL D 93 34.44 31.84 9.54
CA VAL D 93 34.94 32.13 10.88
C VAL D 93 36.39 31.65 10.95
N TYR D 94 37.30 32.56 11.31
CA TYR D 94 38.73 32.28 11.35
C TYR D 94 39.09 31.75 12.74
N TRP D 95 39.98 30.76 12.76
CA TRP D 95 40.58 30.33 14.00
C TRP D 95 41.47 31.46 14.55
N ASP D 96 41.19 31.84 15.79
CA ASP D 96 42.04 32.75 16.55
C ASP D 96 42.43 32.06 17.85
N ARG D 97 43.71 31.66 17.95
CA ARG D 97 44.25 30.92 19.10
C ARG D 97 44.06 31.69 20.41
N ASP D 98 44.03 33.03 20.34
CA ASP D 98 43.91 33.90 21.50
C ASP D 98 42.47 33.88 22.05
N MET D 99 41.49 33.63 21.17
CA MET D 99 40.09 33.47 21.55
C MET D 99 39.85 32.00 21.95
C1 NAG E . 17.81 6.83 0.50
C2 NAG E . 18.06 7.25 -0.94
C3 NAG E . 16.92 6.78 -1.82
C4 NAG E . 16.72 5.29 -1.64
C5 NAG E . 16.47 4.97 -0.16
C6 NAG E . 16.24 3.47 0.04
C7 NAG E . 19.08 9.37 -1.55
C8 NAG E . 18.86 10.85 -1.66
N2 NAG E . 18.07 8.68 -1.06
O3 NAG E . 17.17 7.10 -3.19
O4 NAG E . 15.59 4.90 -2.44
O5 NAG E . 17.60 5.42 0.60
O6 NAG E . 17.37 2.70 -0.41
O7 NAG E . 20.13 8.85 -1.86
C1 NAG E . 16.00 3.96 -3.42
C2 NAG E . 14.75 3.27 -3.95
C3 NAG E . 14.95 2.48 -5.24
C4 NAG E . 15.91 3.17 -6.21
C5 NAG E . 17.16 3.65 -5.47
C6 NAG E . 18.15 4.39 -6.36
C7 NAG E . 13.08 2.29 -2.46
C8 NAG E . 12.85 1.30 -1.36
N2 NAG E . 14.32 2.35 -2.91
O3 NAG E . 13.67 2.30 -5.85
O4 NAG E . 16.25 2.25 -7.27
O5 NAG E . 16.74 4.58 -4.46
O6 NAG E . 17.64 5.69 -6.63
O7 NAG E . 12.19 3.01 -2.88
C1 NAG F . 2.15 0.50 27.38
C2 NAG F . 0.89 -0.35 27.40
C3 NAG F . -0.33 0.52 27.27
C4 NAG F . -0.31 1.62 28.30
C5 NAG F . 1.01 2.38 28.26
C6 NAG F . 1.07 3.49 29.32
C7 NAG F . 1.38 -2.53 26.41
C8 NAG F . 1.09 -3.45 25.27
N2 NAG F . 0.83 -1.32 26.32
O3 NAG F . -1.46 -0.32 27.39
O4 NAG F . -1.33 2.57 27.98
O5 NAG F . 2.09 1.47 28.40
O6 NAG F . 2.39 4.05 29.36
O7 NAG F . 2.07 -2.86 27.37
C1 NAG F . -2.52 2.44 28.77
C2 NAG F . -3.27 3.80 28.80
C3 NAG F . -4.60 3.64 29.54
C4 NAG F . -5.42 2.56 28.85
C5 NAG F . -4.61 1.26 28.93
C6 NAG F . -5.35 0.07 28.31
C7 NAG F . -2.34 6.07 28.90
C8 NAG F . -1.55 7.07 29.68
N2 NAG F . -2.48 4.85 29.42
O3 NAG F . -5.32 4.88 29.55
O4 NAG F . -6.72 2.45 29.47
O5 NAG F . -3.36 1.42 28.23
O6 NAG F . -4.54 -0.56 27.31
O7 NAG F . -2.85 6.39 27.83
C1 FUC F . 2.57 5.35 28.74
C2 FUC F . 3.90 5.95 29.23
C3 FUC F . 5.06 5.07 28.74
C4 FUC F . 5.04 5.02 27.20
C5 FUC F . 3.67 4.53 26.75
C6 FUC F . 3.53 4.52 25.23
O2 FUC F . 3.89 6.04 30.67
O3 FUC F . 6.33 5.51 29.23
O4 FUC F . 5.32 6.32 26.63
O5 FUC F . 2.62 5.35 27.31
NA NA G . -35.72 -36.51 -19.98
C1 GOL H . -15.00 -5.72 2.14
O1 GOL H . -14.69 -7.10 2.33
C2 GOL H . -15.96 -5.62 0.99
O2 GOL H . -17.05 -6.53 1.22
C3 GOL H . -15.27 -5.98 -0.32
O3 GOL H . -15.83 -5.18 -1.38
NA NA I . -5.47 -6.41 -14.23
C1 GOL J . -9.78 -1.77 10.11
O1 GOL J . -8.80 -0.85 9.53
C2 GOL J . -11.16 -1.43 9.57
O2 GOL J . -12.21 -2.08 10.30
C3 GOL J . -11.22 -1.90 8.14
O3 GOL J . -11.50 -0.81 7.28
NA NA K . -20.12 4.11 -28.49
C1 NAG L . 13.83 16.62 -6.22
C2 NAG L . 14.20 16.93 -7.68
C3 NAG L . 15.70 16.98 -7.99
C4 NAG L . 16.53 17.59 -6.87
C5 NAG L . 16.18 16.89 -5.56
C6 NAG L . 17.07 17.35 -4.39
C7 NAG L . 12.53 16.17 -9.31
C8 NAG L . 12.07 14.99 -10.14
N2 NAG L . 13.60 15.93 -8.56
O3 NAG L . 15.89 17.74 -9.18
O4 NAG L . 17.92 17.45 -7.15
O5 NAG L . 14.79 17.16 -5.29
O6 NAG L . 16.74 18.68 -3.96
O7 NAG L . 11.96 17.26 -9.34
C1 JU1 M . 2.64 -2.08 8.49
C2 JU1 M . 4.56 -4.62 10.31
C3 JU1 M . 3.59 -3.43 10.21
C4 JU1 M . 2.23 -3.74 10.79
C5 JU1 M . 1.27 -2.61 10.49
C6 JU1 M . 1.25 -2.36 8.99
CBT JU1 M . 2.29 15.44 6.46
CBS JU1 M . 1.87 14.58 7.67
CBR JU1 M . 3.00 14.50 8.67
CBQ JU1 M . 2.52 13.78 9.96
CBP JU1 M . 3.50 12.64 10.21
CBO JU1 M . 3.36 12.08 11.61
CBN JU1 M . 4.36 10.95 11.66
CBM JU1 M . 4.17 10.07 12.89
CBL JU1 M . 5.26 9.00 12.85
CBK JU1 M . 4.79 7.75 12.07
CBJ JU1 M . 5.72 6.57 12.41
CBI JU1 M . 5.18 5.25 11.80
CBH JU1 M . 5.36 5.23 10.28
CBG JU1 M . 5.21 3.80 9.72
CAQ JU1 M . 3.83 3.21 9.98
OAR JU1 M . 2.76 4.14 9.61
CAP JU1 M . 3.64 1.90 9.18
OAS JU1 M . 3.77 2.16 7.80
CAN JU1 M . 4.68 0.84 9.49
CAM JU1 M . 4.37 -0.44 8.69
O1 JU1 M . 3.09 -0.88 9.10
O5 JU1 M . 0.40 -1.25 8.71
O3 JU1 M . -0.03 -2.98 10.91
O2 JU1 M . 3.51 -3.17 8.81
O6 JU1 M . 4.96 -4.78 11.67
O4 JU1 M . 1.64 -4.92 10.22
CAT JU1 M . 1.82 -6.10 11.05
CAU JU1 M . 0.87 -6.34 12.07
CAV JU1 M . 1.32 -6.50 13.40
CAW JU1 M . 0.44 -6.77 14.43
CAX JU1 M . -0.95 -6.91 14.20
CBA JU1 M . -1.86 -7.20 15.28
CBD JU1 M . -2.74 -5.98 15.61
CBB JU1 M . -1.14 -7.61 16.58
CBC JU1 M . -2.82 -8.35 14.90
CAY JU1 M . -1.39 -6.78 12.88
CAZ JU1 M . -0.50 -6.50 11.81
NAO JU1 M . 4.71 0.49 10.91
CBE JU1 M . 5.83 -0.02 11.43
OBF JU1 M . 6.88 -0.14 10.80
CBU JU1 M . 5.74 -0.43 12.89
CBV JU1 M . 6.93 0.09 13.70
CBW JU1 M . 6.84 1.58 13.98
CBX JU1 M . 8.12 2.02 14.74
CBY JU1 M . 8.19 3.52 14.98
CBZ JU1 M . 9.52 3.80 15.73
CCA JU1 M . 10.04 5.18 15.36
CCB JU1 M . 11.35 5.51 16.12
CCC JU1 M . 12.56 5.14 15.27
CCD JU1 M . 13.57 6.26 15.17
CCE JU1 M . 14.98 5.69 15.32
CCF JU1 M . 15.37 4.72 14.21
CCG JU1 M . 16.82 4.25 14.49
CCH JU1 M . 16.87 2.75 14.76
CCI JU1 M . 18.14 2.38 15.58
CCJ JU1 M . 17.67 1.54 16.76
CCK JU1 M . 18.81 1.12 17.70
CCL JU1 M . 18.33 0.03 18.67
CCM JU1 M . 17.30 0.54 19.71
CCN JU1 M . 16.00 -0.23 19.54
CCO JU1 M . 15.18 -0.35 20.82
CCP JU1 M . 14.57 0.98 21.30
CCQ JU1 M . 13.69 1.61 20.25
CCR JU1 M . 12.79 2.65 20.94
CCS JU1 M . 12.11 3.51 19.89
C1 GOL N . 33.73 20.08 41.81
O1 GOL N . 32.92 21.18 42.23
C2 GOL N . 33.03 19.27 40.70
O2 GOL N . 34.03 18.73 39.82
C3 GOL N . 32.02 20.13 39.93
O3 GOL N . 32.06 19.76 38.53
C1 GOL O . 31.16 14.95 23.26
O1 GOL O . 32.41 14.67 22.61
C2 GOL O . 30.30 13.70 23.43
O2 GOL O . 30.66 13.06 24.66
C3 GOL O . 30.48 12.70 22.29
O3 GOL O . 30.56 13.38 21.03
#